data_6MTZ
#
_entry.id   6MTZ
#
_cell.length_a   60.730
_cell.length_b   66.740
_cell.length_c   200.470
_cell.angle_alpha   90.000
_cell.angle_beta   90.000
_cell.angle_gamma   90.000
#
_symmetry.space_group_name_H-M   'P 21 21 21'
#
loop_
_entity.id
_entity.type
_entity.pdbx_description
1 polymer HepC.19480.a.B1
2 non-polymer 1,2-ETHANEDIOL
3 non-polymer 'IODIDE ION'
4 non-polymer 'CHLORIDE ION'
5 water water
#
_entity_poly.entity_id   1
_entity_poly.type   'polypeptide(L)'
_entity_poly.pdbx_seq_one_letter_code
;MAHHHHHHMQVYHLSHIDLDGYACQLVSKQFFKNIQCYNANYGREVSARIYEILNAIAQSKESEFLILVSDLNLNLNEAE
YLQDKIQEHRLQNKNIQIQLLDHHISGKEVAESFHWYFLDTNRCATKIVYEFLKKHYAILEPKNTTWLEPLVEMVNSVDI
WDTQGYGFELGKVCMRMITQSSELNRFMFDDENRDYKLKLLEEVKNYLFLENAPVAYDNDLFRLKKIALGGDPDTETMDN
ISSNAQTHLLSLKKHDCSVYYQDKKGFLSYSMGGISVLANLFLTQNPDFDFYIDVNAKGNVSLRANGNCDVCELSQMCFN
GGGHRNASGGKIDGFRESFNYRDIKEQIEEIFNNA
;
_entity_poly.pdbx_strand_id   A,B
#
# COMPACT_ATOMS: atom_id res chain seq x y z
N HIS A 8 -6.06 24.13 -35.42
CA HIS A 8 -6.11 22.92 -34.61
C HIS A 8 -4.71 22.57 -34.06
N MET A 9 -4.44 22.97 -32.82
CA MET A 9 -3.15 22.74 -32.18
C MET A 9 -3.20 21.52 -31.27
N GLN A 10 -2.20 20.66 -31.39
CA GLN A 10 -2.16 19.42 -30.65
C GLN A 10 -1.39 19.60 -29.36
N VAL A 11 -2.03 19.26 -28.25
CA VAL A 11 -1.43 19.43 -26.93
C VAL A 11 -1.01 18.07 -26.41
N TYR A 12 0.23 17.99 -25.92
CA TYR A 12 0.76 16.81 -25.24
C TYR A 12 1.07 17.21 -23.81
N HIS A 13 0.36 16.60 -22.85
CA HIS A 13 0.42 17.08 -21.46
C HIS A 13 0.93 15.97 -20.55
N LEU A 14 2.17 16.15 -20.07
CA LEU A 14 2.79 15.23 -19.11
C LEU A 14 2.73 15.82 -17.71
N SER A 15 2.24 15.00 -16.75
CA SER A 15 2.08 15.45 -15.36
C SER A 15 2.41 14.32 -14.40
N HIS A 16 2.51 14.68 -13.12
CA HIS A 16 2.81 13.73 -12.05
C HIS A 16 1.59 12.82 -11.81
N ILE A 17 1.60 12.04 -10.73
CA ILE A 17 0.56 11.05 -10.49
C ILE A 17 -0.28 11.31 -9.26
N ASP A 18 0.03 12.26 -8.39
CA ASP A 18 -0.80 12.39 -7.19
C ASP A 18 -1.97 13.32 -7.49
N LEU A 19 -2.64 13.85 -6.46
CA LEU A 19 -3.80 14.71 -6.67
C LEU A 19 -3.42 15.96 -7.47
N ASP A 20 -2.36 16.66 -7.06
CA ASP A 20 -1.89 17.82 -7.81
C ASP A 20 -1.58 17.43 -9.25
N GLY A 21 -0.89 16.30 -9.42
CA GLY A 21 -0.51 15.88 -10.76
C GLY A 21 -1.69 15.61 -11.67
N TYR A 22 -2.72 14.92 -11.17
CA TYR A 22 -3.86 14.61 -12.04
C TYR A 22 -4.81 15.80 -12.18
N ALA A 23 -4.97 16.62 -11.14
CA ALA A 23 -5.78 17.83 -11.26
C ALA A 23 -5.26 18.77 -12.35
N CYS A 24 -3.94 18.83 -12.57
CA CYS A 24 -3.42 19.60 -13.70
C CYS A 24 -4.09 19.18 -14.99
N GLN A 25 -4.33 17.88 -15.15
CA GLN A 25 -4.87 17.37 -16.39
C GLN A 25 -6.39 17.48 -16.47
N LEU A 26 -7.09 17.44 -15.33
CA LEU A 26 -8.48 17.88 -15.33
C LEU A 26 -8.57 19.30 -15.85
N VAL A 27 -7.68 20.17 -15.36
CA VAL A 27 -7.72 21.57 -15.76
C VAL A 27 -7.44 21.69 -17.25
N SER A 28 -6.36 21.05 -17.73
CA SER A 28 -5.98 21.22 -19.13
C SER A 28 -7.04 20.67 -20.07
N LYS A 29 -7.73 19.58 -19.68
CA LYS A 29 -8.80 19.07 -20.54
C LYS A 29 -9.98 20.03 -20.63
N GLN A 30 -10.09 20.99 -19.71
CA GLN A 30 -11.14 21.99 -19.84
C GLN A 30 -10.82 23.01 -20.93
N PHE A 31 -9.59 23.05 -21.44
CA PHE A 31 -9.20 24.07 -22.41
C PHE A 31 -8.92 23.53 -23.80
N PHE A 32 -8.48 22.29 -23.93
CA PHE A 32 -7.92 21.82 -25.20
C PHE A 32 -8.78 20.68 -25.76
N LYS A 33 -9.33 20.92 -26.95
CA LYS A 33 -10.09 19.90 -27.66
C LYS A 33 -9.20 18.76 -28.14
N ASN A 34 -7.97 19.06 -28.52
CA ASN A 34 -7.05 18.05 -29.04
C ASN A 34 -5.88 17.91 -28.07
N ILE A 35 -5.97 16.95 -27.15
CA ILE A 35 -4.99 16.77 -26.08
C ILE A 35 -4.79 15.28 -25.79
N GLN A 36 -3.53 14.88 -25.67
CA GLN A 36 -3.14 13.57 -25.20
C GLN A 36 -2.35 13.72 -23.90
N CYS A 37 -2.74 12.99 -22.87
CA CYS A 37 -2.11 13.12 -21.56
C CYS A 37 -1.16 11.95 -21.28
N TYR A 38 -0.21 12.22 -20.39
CA TYR A 38 0.81 11.27 -19.99
C TYR A 38 1.12 11.52 -18.53
N ASN A 39 1.50 10.46 -17.81
CA ASN A 39 1.83 10.61 -16.41
C ASN A 39 3.09 9.85 -16.07
N ALA A 40 3.80 10.35 -15.07
CA ALA A 40 5.06 9.78 -14.65
C ALA A 40 5.22 9.99 -13.16
N ASN A 41 5.78 9.01 -12.47
CA ASN A 41 6.08 9.18 -11.07
C ASN A 41 7.53 9.63 -10.92
N TYR A 42 8.45 8.69 -11.01
CA TYR A 42 9.89 8.93 -10.80
C TYR A 42 10.60 9.26 -12.12
N GLY A 43 11.92 9.43 -12.02
CA GLY A 43 12.66 10.04 -13.11
C GLY A 43 12.75 9.19 -14.37
N ARG A 44 12.98 7.87 -14.22
CA ARG A 44 13.06 7.04 -15.42
C ARG A 44 11.75 7.14 -16.22
N GLU A 45 10.61 7.09 -15.52
CA GLU A 45 9.33 7.22 -16.22
C GLU A 45 9.23 8.59 -16.90
N VAL A 46 9.71 9.66 -16.26
CA VAL A 46 9.61 10.99 -16.86
C VAL A 46 10.33 11.02 -18.20
N SER A 47 11.54 10.47 -18.25
CA SER A 47 12.28 10.43 -19.52
C SER A 47 11.55 9.59 -20.55
N ALA A 48 10.95 8.48 -20.13
CA ALA A 48 10.21 7.66 -21.08
C ALA A 48 9.04 8.44 -21.68
N ARG A 49 8.31 9.20 -20.85
CA ARG A 49 7.20 9.95 -21.39
C ARG A 49 7.68 11.07 -22.30
N ILE A 50 8.84 11.65 -22.03
CA ILE A 50 9.34 12.71 -22.91
C ILE A 50 9.70 12.12 -24.26
N TYR A 51 10.28 10.92 -24.27
CA TYR A 51 10.56 10.24 -25.52
C TYR A 51 9.26 9.94 -26.27
N GLU A 52 8.27 9.38 -25.56
CA GLU A 52 6.97 9.10 -26.17
C GLU A 52 6.37 10.34 -26.82
N ILE A 53 6.44 11.48 -26.12
CA ILE A 53 5.83 12.71 -26.61
C ILE A 53 6.55 13.21 -27.87
N LEU A 54 7.88 13.24 -27.83
CA LEU A 54 8.63 13.70 -29.00
C LEU A 54 8.44 12.74 -30.17
N ASN A 55 8.31 11.45 -29.90
CA ASN A 55 8.05 10.47 -30.95
C ASN A 55 6.70 10.74 -31.60
N ALA A 56 5.66 10.91 -30.77
CA ALA A 56 4.33 11.20 -31.30
C ALA A 56 4.33 12.48 -32.14
N ILE A 57 5.08 13.50 -31.71
CA ILE A 57 5.09 14.75 -32.46
C ILE A 57 5.81 14.57 -33.79
N ALA A 58 6.89 13.79 -33.82
CA ALA A 58 7.59 13.50 -35.07
C ALA A 58 6.68 12.80 -36.07
N GLN A 59 5.72 12.00 -35.60
CA GLN A 59 4.86 11.22 -36.48
C GLN A 59 3.53 11.90 -36.79
N SER A 60 3.21 13.00 -36.14
CA SER A 60 1.97 13.70 -36.40
C SER A 60 1.95 14.31 -37.79
N LYS A 61 0.74 14.48 -38.33
CA LYS A 61 0.54 15.21 -39.58
C LYS A 61 0.07 16.65 -39.35
N GLU A 62 -0.19 17.03 -38.10
CA GLU A 62 -0.52 18.40 -37.75
C GLU A 62 0.74 19.25 -37.71
N SER A 63 0.56 20.56 -37.55
CA SER A 63 1.68 21.49 -37.67
C SER A 63 1.91 22.38 -36.44
N GLU A 64 0.97 22.48 -35.51
CA GLU A 64 1.11 23.31 -34.32
C GLU A 64 1.02 22.43 -33.09
N PHE A 65 1.97 22.59 -32.16
CA PHE A 65 2.07 21.69 -31.02
C PHE A 65 2.42 22.46 -29.76
N LEU A 66 1.87 22.00 -28.63
CA LEU A 66 2.22 22.52 -27.32
C LEU A 66 2.57 21.35 -26.40
N ILE A 67 3.82 21.31 -25.96
CA ILE A 67 4.24 20.35 -24.95
C ILE A 67 4.10 21.02 -23.59
N LEU A 68 3.25 20.44 -22.75
CA LEU A 68 2.93 21.00 -21.44
C LEU A 68 3.36 20.00 -20.37
N VAL A 69 4.19 20.44 -19.44
CA VAL A 69 4.73 19.59 -18.38
C VAL A 69 4.44 20.27 -17.05
N SER A 70 3.79 19.54 -16.14
CA SER A 70 3.32 20.12 -14.89
C SER A 70 3.65 19.19 -13.74
N ASP A 71 4.07 19.78 -12.61
CA ASP A 71 4.24 19.11 -11.33
C ASP A 71 5.40 18.10 -11.35
N LEU A 72 6.36 18.31 -12.23
CA LEU A 72 7.54 17.47 -12.32
C LEU A 72 8.74 18.39 -12.44
N ASN A 73 9.85 18.02 -11.81
CA ASN A 73 11.09 18.73 -12.08
C ASN A 73 11.98 17.85 -12.92
N LEU A 74 12.69 18.46 -13.86
CA LEU A 74 13.60 17.76 -14.73
C LEU A 74 15.02 18.03 -14.26
N ASN A 75 15.89 17.04 -14.42
CA ASN A 75 17.30 17.35 -14.22
C ASN A 75 17.83 18.06 -15.47
N LEU A 76 19.04 18.61 -15.33
CA LEU A 76 19.60 19.42 -16.40
C LEU A 76 19.67 18.63 -17.70
N ASN A 77 19.98 17.35 -17.61
CA ASN A 77 20.17 16.55 -18.81
C ASN A 77 18.85 16.36 -19.55
N GLU A 78 17.75 16.12 -18.83
CA GLU A 78 16.46 15.95 -19.49
C GLU A 78 15.93 17.26 -20.04
N ALA A 79 16.16 18.37 -19.35
CA ALA A 79 15.78 19.68 -19.88
C ALA A 79 16.58 20.00 -21.14
N GLU A 80 17.88 19.70 -21.13
CA GLU A 80 18.69 19.87 -22.33
C GLU A 80 18.19 19.01 -23.47
N TYR A 81 17.89 17.74 -23.17
CA TYR A 81 17.44 16.82 -24.22
C TYR A 81 16.15 17.33 -24.86
N LEU A 82 15.22 17.79 -24.03
CA LEU A 82 13.96 18.33 -24.54
C LEU A 82 14.20 19.51 -25.46
N GLN A 83 14.96 20.50 -24.99
CA GLN A 83 15.24 21.67 -25.80
C GLN A 83 15.95 21.28 -27.10
N ASP A 84 16.98 20.45 -27.02
CA ASP A 84 17.74 20.11 -28.21
C ASP A 84 16.91 19.28 -29.19
N LYS A 85 16.09 18.36 -28.67
CA LYS A 85 15.43 17.40 -29.55
C LYS A 85 14.44 18.08 -30.49
N ILE A 86 13.73 19.12 -30.00
CA ILE A 86 12.71 19.77 -30.83
C ILE A 86 13.29 20.74 -31.85
N GLN A 87 14.61 20.85 -31.95
CA GLN A 87 15.22 21.67 -32.98
C GLN A 87 15.90 20.84 -34.05
N GLU A 88 15.66 19.53 -34.08
CA GLU A 88 16.16 18.67 -35.13
C GLU A 88 15.11 18.61 -36.25
N HIS A 89 15.30 17.70 -37.21
CA HIS A 89 14.35 17.54 -38.30
C HIS A 89 13.10 16.80 -37.84
N LYS A 94 7.54 22.07 -38.30
CA LYS A 94 6.64 21.93 -37.17
C LYS A 94 6.90 22.96 -36.06
N ASN A 95 5.86 23.68 -35.68
CA ASN A 95 5.96 24.69 -34.63
C ASN A 95 5.61 24.05 -33.31
N ILE A 96 6.57 24.03 -32.38
CA ILE A 96 6.48 23.30 -31.14
C ILE A 96 6.77 24.28 -30.01
N GLN A 97 5.74 24.63 -29.25
CA GLN A 97 5.90 25.40 -28.02
C GLN A 97 6.02 24.47 -26.83
N ILE A 98 6.80 24.88 -25.84
CA ILE A 98 6.97 24.09 -24.62
C ILE A 98 6.81 24.99 -23.41
N GLN A 99 6.06 24.51 -22.42
CA GLN A 99 5.89 25.22 -21.17
C GLN A 99 5.92 24.21 -20.02
N LEU A 100 6.88 24.38 -19.12
CA LEU A 100 6.94 23.58 -17.90
C LEU A 100 6.49 24.44 -16.73
N LEU A 101 5.57 23.92 -15.92
CA LEU A 101 5.02 24.60 -14.75
C LEU A 101 5.23 23.70 -13.54
N ASP A 102 5.89 24.21 -12.51
CA ASP A 102 6.17 23.39 -11.34
C ASP A 102 6.45 24.26 -10.13
N HIS A 103 6.45 23.62 -8.95
CA HIS A 103 6.60 24.31 -7.68
C HIS A 103 7.65 23.68 -6.75
N HIS A 104 8.49 22.78 -7.25
CA HIS A 104 9.44 22.04 -6.41
C HIS A 104 10.79 22.75 -6.39
N ILE A 105 11.23 23.17 -5.20
CA ILE A 105 12.47 23.91 -5.07
C ILE A 105 13.69 23.12 -5.54
N SER A 106 13.58 21.80 -5.65
CA SER A 106 14.71 21.00 -6.17
C SER A 106 15.12 21.42 -7.58
N GLY A 107 14.23 22.06 -8.33
CA GLY A 107 14.54 22.41 -9.70
C GLY A 107 15.04 23.82 -9.92
N LYS A 108 15.42 24.51 -8.85
CA LYS A 108 15.80 25.92 -8.95
C LYS A 108 16.88 26.14 -10.01
N GLU A 109 17.98 25.40 -9.93
CA GLU A 109 19.07 25.60 -10.89
C GLU A 109 18.59 25.39 -12.32
N VAL A 110 17.82 24.34 -12.55
CA VAL A 110 17.37 24.04 -13.91
C VAL A 110 16.41 25.10 -14.42
N ALA A 111 15.56 25.63 -13.53
CA ALA A 111 14.58 26.64 -13.94
C ALA A 111 15.24 27.90 -14.48
N GLU A 112 16.35 28.32 -13.88
CA GLU A 112 17.01 29.54 -14.36
C GLU A 112 17.95 29.29 -15.54
N SER A 113 17.98 28.08 -16.10
CA SER A 113 18.71 27.82 -17.33
C SER A 113 17.80 27.71 -18.55
N PHE A 114 16.48 27.70 -18.38
CA PHE A 114 15.59 27.50 -19.50
C PHE A 114 14.40 28.44 -19.37
N HIS A 115 14.20 29.26 -20.41
CA HIS A 115 13.14 30.26 -20.38
C HIS A 115 11.76 29.62 -20.30
N TRP A 116 11.60 28.39 -20.83
CA TRP A 116 10.34 27.66 -20.82
C TRP A 116 10.09 26.93 -19.52
N TYR A 117 11.04 26.95 -18.58
CA TYR A 117 10.93 26.20 -17.32
C TYR A 117 10.55 27.18 -16.23
N PHE A 118 9.32 27.10 -15.74
CA PHE A 118 8.75 28.06 -14.80
C PHE A 118 8.55 27.42 -13.43
N LEU A 119 9.14 28.04 -12.41
CA LEU A 119 9.07 27.55 -11.03
C LEU A 119 8.44 28.62 -10.14
N ASP A 120 7.36 28.26 -9.45
CA ASP A 120 6.80 29.09 -8.38
C ASP A 120 6.50 28.18 -7.20
N THR A 121 7.28 28.30 -6.12
CA THR A 121 7.15 27.39 -4.99
C THR A 121 5.96 27.73 -4.09
N ASN A 122 5.26 28.82 -4.36
CA ASN A 122 4.19 29.29 -3.48
C ASN A 122 2.81 28.80 -3.89
N ARG A 123 2.69 28.05 -4.98
CA ARG A 123 1.41 27.55 -5.46
C ARG A 123 1.54 26.09 -5.82
N CYS A 124 0.43 25.38 -5.77
CA CYS A 124 0.45 24.02 -6.29
C CYS A 124 0.50 24.08 -7.81
N ALA A 125 0.91 22.96 -8.42
CA ALA A 125 1.04 22.91 -9.87
C ALA A 125 -0.30 23.14 -10.55
N THR A 126 -1.39 22.59 -9.98
CA THR A 126 -2.70 22.77 -10.59
C THR A 126 -3.08 24.24 -10.72
N LYS A 127 -2.80 25.05 -9.69
CA LYS A 127 -3.16 26.45 -9.77
C LYS A 127 -2.29 27.19 -10.77
N ILE A 128 -0.99 26.87 -10.82
CA ILE A 128 -0.11 27.43 -11.85
C ILE A 128 -0.64 27.09 -13.24
N VAL A 129 -0.97 25.81 -13.49
CA VAL A 129 -1.53 25.43 -14.79
C VAL A 129 -2.78 26.24 -15.09
N TYR A 130 -3.70 26.33 -14.12
CA TYR A 130 -4.96 27.00 -14.38
C TYR A 130 -4.74 28.45 -14.79
N GLU A 131 -3.90 29.16 -14.04
CA GLU A 131 -3.72 30.57 -14.33
C GLU A 131 -2.98 30.78 -15.65
N PHE A 132 -2.04 29.89 -15.97
CA PHE A 132 -1.37 29.98 -17.26
C PHE A 132 -2.34 29.72 -18.41
N LEU A 133 -3.14 28.65 -18.33
CA LEU A 133 -4.07 28.36 -19.41
C LEU A 133 -5.14 29.45 -19.52
N LYS A 134 -5.68 29.90 -18.38
CA LYS A 134 -6.74 30.90 -18.42
C LYS A 134 -6.26 32.19 -19.06
N LYS A 135 -5.00 32.57 -18.80
CA LYS A 135 -4.47 33.81 -19.38
C LYS A 135 -4.40 33.74 -20.90
N HIS A 136 -4.23 32.53 -21.47
CA HIS A 136 -3.90 32.39 -22.88
C HIS A 136 -4.98 31.73 -23.73
N TYR A 137 -5.86 30.91 -23.14
CA TYR A 137 -6.83 30.16 -23.91
C TYR A 137 -8.23 30.30 -23.30
N ALA A 138 -9.23 30.30 -24.17
CA ALA A 138 -10.61 30.26 -23.71
C ALA A 138 -10.95 28.88 -23.16
N ILE A 139 -11.62 28.84 -22.00
CA ILE A 139 -12.14 27.58 -21.49
C ILE A 139 -13.24 27.08 -22.43
N LEU A 140 -13.26 25.78 -22.70
CA LEU A 140 -14.20 25.27 -23.70
C LEU A 140 -15.64 25.52 -23.29
N GLU A 141 -15.97 25.29 -22.02
CA GLU A 141 -17.32 25.51 -21.51
C GLU A 141 -17.30 26.54 -20.40
N PRO A 142 -17.59 27.81 -20.70
CA PRO A 142 -17.42 28.87 -19.70
C PRO A 142 -18.32 28.75 -18.48
N LYS A 143 -19.39 27.93 -18.55
CA LYS A 143 -20.17 27.65 -17.35
C LYS A 143 -19.38 26.87 -16.30
N ASN A 144 -18.35 26.12 -16.68
CA ASN A 144 -17.70 25.26 -15.70
C ASN A 144 -16.83 26.03 -14.71
N THR A 145 -16.53 27.30 -15.01
CA THR A 145 -15.62 28.07 -14.17
C THR A 145 -16.11 28.15 -12.73
N THR A 146 -17.42 28.16 -12.52
CA THR A 146 -17.93 28.35 -11.16
C THR A 146 -17.62 27.15 -10.26
N TRP A 147 -17.39 25.95 -10.82
CA TRP A 147 -16.86 24.88 -9.99
C TRP A 147 -15.37 24.64 -10.21
N LEU A 148 -14.84 25.00 -11.39
CA LEU A 148 -13.45 24.68 -11.66
C LEU A 148 -12.50 25.51 -10.80
N GLU A 149 -12.78 26.81 -10.63
CA GLU A 149 -11.87 27.61 -9.81
C GLU A 149 -11.91 27.21 -8.35
N PRO A 150 -13.08 26.91 -7.76
CA PRO A 150 -13.07 26.34 -6.40
C PRO A 150 -12.30 25.03 -6.30
N LEU A 151 -12.45 24.16 -7.29
CA LEU A 151 -11.70 22.91 -7.27
C LEU A 151 -10.19 23.18 -7.31
N VAL A 152 -9.77 24.12 -8.15
CA VAL A 152 -8.36 24.47 -8.21
C VAL A 152 -7.86 24.97 -6.86
N GLU A 153 -8.62 25.89 -6.26
CA GLU A 153 -8.22 26.47 -4.98
C GLU A 153 -8.17 25.40 -3.89
N MET A 154 -9.10 24.45 -3.92
CA MET A 154 -9.10 23.35 -2.96
C MET A 154 -7.80 22.55 -3.06
N VAL A 155 -7.45 22.14 -4.27
CA VAL A 155 -6.17 21.47 -4.48
C VAL A 155 -5.03 22.33 -3.95
N ASN A 156 -5.08 23.64 -4.20
CA ASN A 156 -3.99 24.50 -3.74
C ASN A 156 -3.89 24.45 -2.22
N SER A 157 -5.03 24.56 -1.52
CA SER A 157 -4.99 24.64 -0.06
C SER A 157 -4.38 23.40 0.56
N VAL A 158 -4.72 22.21 0.05
CA VAL A 158 -4.20 21.02 0.71
C VAL A 158 -2.75 20.77 0.27
N ASP A 159 -2.41 21.14 -0.95
CA ASP A 159 -1.04 20.91 -1.43
C ASP A 159 -0.03 21.75 -0.65
N ILE A 160 -0.38 23.01 -0.33
CA ILE A 160 0.49 23.83 0.49
C ILE A 160 0.20 23.70 1.98
N TRP A 161 -0.75 22.84 2.36
CA TRP A 161 -1.16 22.63 3.74
C TRP A 161 -1.48 23.95 4.45
N ASP A 162 -2.36 24.73 3.82
CA ASP A 162 -2.93 25.91 4.47
C ASP A 162 -4.24 25.48 5.13
N THR A 163 -4.19 25.16 6.44
CA THR A 163 -5.36 24.64 7.13
C THR A 163 -6.53 25.61 7.10
N GLN A 164 -6.28 26.89 6.83
CA GLN A 164 -7.30 27.91 6.72
C GLN A 164 -7.76 28.14 5.29
N GLY A 165 -7.10 27.54 4.30
CA GLY A 165 -7.42 27.87 2.93
C GLY A 165 -8.73 27.23 2.48
N TYR A 166 -9.32 27.80 1.44
CA TYR A 166 -10.57 27.29 0.92
C TYR A 166 -10.46 25.82 0.58
N GLY A 167 -11.46 25.04 0.98
CA GLY A 167 -11.53 23.64 0.60
C GLY A 167 -10.48 22.74 1.23
N PHE A 168 -9.84 23.17 2.32
CA PHE A 168 -8.73 22.39 2.88
C PHE A 168 -9.17 20.98 3.28
N GLU A 169 -10.19 20.87 4.13
CA GLU A 169 -10.58 19.54 4.63
C GLU A 169 -11.07 18.64 3.50
N LEU A 170 -11.88 19.17 2.59
CA LEU A 170 -12.30 18.38 1.42
C LEU A 170 -11.11 17.96 0.56
N GLY A 171 -10.10 18.84 0.41
CA GLY A 171 -8.92 18.47 -0.37
C GLY A 171 -8.15 17.28 0.22
N LYS A 172 -8.12 17.16 1.54
CA LYS A 172 -7.47 15.99 2.13
C LYS A 172 -8.19 14.70 1.72
N VAL A 173 -9.53 14.75 1.68
CA VAL A 173 -10.29 13.60 1.20
C VAL A 173 -9.92 13.29 -0.25
N CYS A 174 -9.75 14.34 -1.07
CA CYS A 174 -9.44 14.12 -2.48
C CYS A 174 -8.02 13.57 -2.65
N MET A 175 -7.08 14.04 -1.84
CA MET A 175 -5.71 13.53 -1.91
C MET A 175 -5.67 12.03 -1.64
N ARG A 176 -6.30 11.60 -0.55
CA ARG A 176 -6.41 10.17 -0.29
C ARG A 176 -7.18 9.47 -1.41
N MET A 177 -8.23 10.12 -1.95
CA MET A 177 -8.98 9.49 -3.04
C MET A 177 -8.05 9.13 -4.20
N ILE A 178 -7.14 10.03 -4.56
CA ILE A 178 -6.27 9.78 -5.70
C ILE A 178 -5.28 8.65 -5.38
N THR A 179 -4.77 8.62 -4.15
CA THR A 179 -3.80 7.60 -3.76
C THR A 179 -4.43 6.21 -3.79
N GLN A 180 -5.70 6.11 -3.42
CA GLN A 180 -6.32 4.83 -3.17
C GLN A 180 -7.20 4.36 -4.32
N SER A 181 -7.32 5.14 -5.39
CA SER A 181 -8.10 4.71 -6.55
C SER A 181 -7.22 3.92 -7.51
N SER A 182 -6.70 2.80 -7.01
CA SER A 182 -5.76 1.97 -7.76
CA SER A 182 -5.76 1.95 -7.72
C SER A 182 -6.41 0.71 -8.33
N GLU A 183 -7.75 0.72 -8.44
CA GLU A 183 -8.47 -0.44 -8.97
C GLU A 183 -8.16 -0.73 -10.43
N LEU A 184 -7.70 0.25 -11.22
CA LEU A 184 -7.25 0.02 -12.59
C LEU A 184 -5.73 0.22 -12.63
N ASN A 185 -5.00 -0.87 -12.84
CA ASN A 185 -3.55 -0.82 -12.93
C ASN A 185 -3.10 0.24 -13.93
N ARG A 186 -2.22 1.14 -13.46
CA ARG A 186 -1.84 2.29 -14.27
C ARG A 186 -1.00 1.88 -15.46
N PHE A 187 -0.09 0.93 -15.28
CA PHE A 187 0.77 0.51 -16.39
C PHE A 187 -0.04 -0.13 -17.50
N MET A 188 -0.93 -1.06 -17.15
CA MET A 188 -1.64 -1.80 -18.18
C MET A 188 -2.75 -0.97 -18.81
N PHE A 189 -3.37 -0.05 -18.07
CA PHE A 189 -4.56 0.67 -18.51
C PHE A 189 -4.39 2.18 -18.30
N ASP A 190 -3.39 2.75 -18.98
CA ASP A 190 -2.98 4.11 -18.70
C ASP A 190 -4.14 5.09 -18.88
N ASP A 191 -4.83 5.03 -20.01
CA ASP A 191 -5.89 5.99 -20.26
C ASP A 191 -7.11 5.72 -19.38
N GLU A 192 -7.47 4.45 -19.18
CA GLU A 192 -8.65 4.16 -18.39
C GLU A 192 -8.40 4.46 -16.92
N ASN A 193 -7.15 4.34 -16.48
CA ASN A 193 -6.80 4.74 -15.13
C ASN A 193 -6.96 6.24 -14.96
N ARG A 194 -6.51 7.02 -15.95
CA ARG A 194 -6.60 8.47 -15.86
C ARG A 194 -8.06 8.93 -15.93
N ASP A 195 -8.84 8.36 -16.84
CA ASP A 195 -10.25 8.72 -16.97
C ASP A 195 -11.01 8.47 -15.67
N TYR A 196 -10.74 7.33 -15.05
CA TYR A 196 -11.38 6.97 -13.78
C TYR A 196 -11.08 7.99 -12.69
N LYS A 197 -9.79 8.26 -12.43
CA LYS A 197 -9.43 9.25 -11.41
C LYS A 197 -10.02 10.60 -11.75
N LEU A 198 -9.95 11.01 -13.02
CA LEU A 198 -10.44 12.33 -13.38
C LEU A 198 -11.95 12.41 -13.25
N LYS A 199 -12.66 11.31 -13.57
CA LYS A 199 -14.09 11.28 -13.32
C LYS A 199 -14.38 11.48 -11.83
N LEU A 200 -13.68 10.73 -10.98
CA LEU A 200 -13.90 10.83 -9.54
C LEU A 200 -13.62 12.24 -9.03
N LEU A 201 -12.54 12.86 -9.50
CA LEU A 201 -12.18 14.18 -9.02
C LEU A 201 -13.21 15.21 -9.48
N GLU A 202 -13.60 15.16 -10.76
CA GLU A 202 -14.61 16.09 -11.26
C GLU A 202 -15.92 15.99 -10.48
N GLU A 203 -16.29 14.79 -9.98
CA GLU A 203 -17.55 14.68 -9.23
C GLU A 203 -17.54 15.51 -7.96
N VAL A 204 -16.37 15.89 -7.46
CA VAL A 204 -16.32 16.78 -6.30
C VAL A 204 -17.08 18.08 -6.55
N LYS A 205 -17.27 18.47 -7.83
CA LYS A 205 -18.04 19.68 -8.12
C LYS A 205 -19.46 19.60 -7.59
N ASN A 206 -20.00 18.40 -7.39
CA ASN A 206 -21.33 18.26 -6.82
C ASN A 206 -21.33 18.29 -5.30
N TYR A 207 -20.18 18.48 -4.68
CA TYR A 207 -20.04 18.53 -3.23
C TYR A 207 -19.53 19.86 -2.71
N LEU A 208 -18.76 20.60 -3.53
CA LEU A 208 -18.12 21.85 -3.09
C LEU A 208 -19.09 22.79 -2.39
N PHE A 209 -20.34 22.83 -2.84
CA PHE A 209 -21.28 23.81 -2.32
C PHE A 209 -22.24 23.17 -1.32
N LEU A 210 -21.90 22.00 -0.78
CA LEU A 210 -22.67 21.43 0.31
C LEU A 210 -22.14 21.96 1.64
N GLU A 211 -23.02 21.99 2.65
CA GLU A 211 -22.66 22.55 3.94
C GLU A 211 -21.60 21.72 4.64
N ASN A 212 -21.61 20.40 4.44
CA ASN A 212 -20.63 19.49 5.04
C ASN A 212 -19.88 18.73 3.94
N ALA A 213 -19.38 19.46 2.95
CA ALA A 213 -18.71 18.86 1.79
C ALA A 213 -17.66 17.81 2.13
N PRO A 214 -16.70 18.05 3.02
CA PRO A 214 -15.67 17.01 3.27
C PRO A 214 -16.26 15.67 3.70
N VAL A 215 -17.13 15.67 4.71
CA VAL A 215 -17.71 14.42 5.18
C VAL A 215 -18.66 13.84 4.16
N ALA A 216 -19.45 14.69 3.50
CA ALA A 216 -20.40 14.18 2.52
C ALA A 216 -19.70 13.48 1.39
N TYR A 217 -18.64 14.10 0.86
CA TYR A 217 -17.90 13.44 -0.21
C TYR A 217 -17.18 12.20 0.33
N ASP A 218 -16.63 12.30 1.54
CA ASP A 218 -15.89 11.16 2.10
C ASP A 218 -16.77 9.90 2.18
N ASN A 219 -18.03 10.05 2.60
CA ASN A 219 -18.90 8.92 2.83
C ASN A 219 -19.58 8.42 1.54
N ASP A 220 -19.52 9.20 0.45
CA ASP A 220 -20.13 8.82 -0.82
C ASP A 220 -19.15 8.18 -1.78
N LEU A 221 -17.85 8.32 -1.51
CA LEU A 221 -16.84 8.01 -2.53
C LEU A 221 -16.84 6.54 -2.92
N PHE A 222 -16.96 5.62 -1.94
CA PHE A 222 -16.83 4.20 -2.23
C PHE A 222 -17.88 3.75 -3.25
N ARG A 223 -19.13 4.13 -3.03
CA ARG A 223 -20.19 3.78 -3.97
C ARG A 223 -19.94 4.43 -5.32
N LEU A 224 -19.45 5.68 -5.32
CA LEU A 224 -19.12 6.35 -6.57
C LEU A 224 -18.04 5.59 -7.34
N LYS A 225 -17.02 5.10 -6.64
CA LYS A 225 -15.96 4.35 -7.31
C LYS A 225 -16.51 3.09 -7.97
N LYS A 226 -17.36 2.36 -7.26
CA LYS A 226 -17.97 1.15 -7.82
C LYS A 226 -18.71 1.48 -9.10
N ILE A 227 -19.40 2.61 -9.13
CA ILE A 227 -20.17 2.99 -10.32
C ILE A 227 -19.23 3.45 -11.43
N ALA A 228 -18.21 4.24 -11.09
CA ALA A 228 -17.29 4.71 -12.13
C ALA A 228 -16.56 3.54 -12.78
N LEU A 229 -16.40 2.43 -12.05
CA LEU A 229 -15.73 1.27 -12.62
C LEU A 229 -16.65 0.41 -13.48
N GLY A 230 -17.91 0.81 -13.65
CA GLY A 230 -18.87 0.04 -14.44
C GLY A 230 -19.61 -1.03 -13.67
N GLY A 231 -19.49 -1.07 -12.34
CA GLY A 231 -20.16 -2.09 -11.56
C GLY A 231 -21.50 -1.63 -11.03
N ASP A 232 -22.25 -2.57 -10.45
CA ASP A 232 -23.51 -2.27 -9.77
C ASP A 232 -23.28 -2.43 -8.27
N PRO A 233 -23.15 -1.33 -7.51
CA PRO A 233 -22.77 -1.45 -6.10
C PRO A 233 -23.80 -2.14 -5.24
N ASP A 234 -25.02 -2.34 -5.75
CA ASP A 234 -26.04 -3.02 -4.97
C ASP A 234 -26.02 -4.53 -5.15
N THR A 235 -25.27 -5.06 -6.11
CA THR A 235 -25.16 -6.51 -6.24
C THR A 235 -23.74 -7.04 -6.38
N GLU A 236 -22.72 -6.17 -6.36
CA GLU A 236 -21.35 -6.63 -6.61
C GLU A 236 -20.38 -6.08 -5.58
N THR A 237 -19.39 -6.88 -5.22
CA THR A 237 -18.31 -6.42 -4.35
C THR A 237 -17.27 -5.65 -5.15
N MET A 238 -16.48 -4.85 -4.43
CA MET A 238 -15.46 -4.05 -5.09
C MET A 238 -14.42 -4.94 -5.77
N ASP A 239 -14.03 -6.04 -5.09
CA ASP A 239 -13.02 -6.91 -5.66
C ASP A 239 -13.50 -7.59 -6.94
N ASN A 240 -14.80 -7.90 -7.05
CA ASN A 240 -15.24 -8.42 -8.35
C ASN A 240 -15.46 -7.31 -9.37
N ILE A 241 -15.86 -6.11 -8.93
CA ILE A 241 -16.01 -5.01 -9.88
C ILE A 241 -14.67 -4.63 -10.47
N SER A 242 -13.62 -4.56 -9.64
CA SER A 242 -12.30 -4.19 -10.14
C SER A 242 -11.75 -5.25 -11.08
N SER A 243 -11.81 -6.53 -10.67
CA SER A 243 -11.25 -7.58 -11.52
C SER A 243 -12.03 -7.70 -12.82
N ASN A 244 -13.35 -7.50 -12.78
CA ASN A 244 -14.14 -7.52 -14.00
C ASN A 244 -13.79 -6.37 -14.94
N ALA A 245 -13.68 -5.16 -14.39
CA ALA A 245 -13.28 -4.03 -15.22
C ALA A 245 -11.92 -4.28 -15.87
N GLN A 246 -10.98 -4.85 -15.11
CA GLN A 246 -9.63 -5.06 -15.65
C GLN A 246 -9.61 -6.18 -16.69
N THR A 247 -10.25 -7.32 -16.41
CA THR A 247 -10.26 -8.42 -17.37
C THR A 247 -10.87 -7.98 -18.71
N HIS A 248 -11.93 -7.17 -18.67
CA HIS A 248 -12.52 -6.68 -19.92
CA HIS A 248 -12.52 -6.67 -19.91
C HIS A 248 -11.50 -5.88 -20.73
N LEU A 249 -10.73 -5.03 -20.04
CA LEU A 249 -9.66 -4.30 -20.74
C LEU A 249 -8.54 -5.24 -21.17
N LEU A 250 -8.26 -6.30 -20.40
CA LEU A 250 -7.25 -7.25 -20.81
C LEU A 250 -7.70 -8.06 -22.02
N SER A 251 -9.00 -8.36 -22.12
CA SER A 251 -9.49 -9.19 -23.22
C SER A 251 -9.21 -8.54 -24.57
N LEU A 252 -9.14 -7.20 -24.60
CA LEU A 252 -8.80 -6.53 -25.84
C LEU A 252 -7.30 -6.56 -26.16
N LYS A 253 -6.47 -7.15 -25.29
CA LYS A 253 -5.02 -7.16 -25.45
C LYS A 253 -4.47 -8.55 -25.76
N LYS A 254 -5.35 -9.51 -26.11
CA LYS A 254 -4.93 -10.90 -26.19
C LYS A 254 -3.79 -11.10 -27.18
N HIS A 255 -3.80 -10.34 -28.27
CA HIS A 255 -2.78 -10.59 -29.29
C HIS A 255 -1.44 -10.01 -28.86
N ASP A 256 -1.42 -8.83 -28.24
CA ASP A 256 -0.14 -8.27 -27.79
C ASP A 256 0.44 -8.99 -26.58
N CYS A 257 -0.39 -9.58 -25.72
CA CYS A 257 0.09 -10.08 -24.44
C CYS A 257 0.23 -11.59 -24.39
N SER A 258 0.13 -12.28 -25.54
CA SER A 258 0.18 -13.74 -25.56
C SER A 258 1.61 -14.23 -25.51
N VAL A 259 1.86 -15.24 -24.70
CA VAL A 259 3.17 -15.87 -24.60
C VAL A 259 2.95 -17.38 -24.62
N TYR A 260 3.99 -18.10 -25.01
CA TYR A 260 3.86 -19.53 -25.30
C TYR A 260 4.94 -20.33 -24.59
N TYR A 261 4.51 -21.19 -23.67
CA TYR A 261 5.39 -22.12 -22.96
C TYR A 261 5.08 -23.53 -23.43
N GLN A 262 6.00 -24.12 -24.18
CA GLN A 262 5.85 -25.47 -24.73
C GLN A 262 4.58 -25.49 -25.56
N ASP A 263 3.57 -26.28 -25.20
CA ASP A 263 2.31 -26.33 -25.92
C ASP A 263 1.19 -25.53 -25.26
N LYS A 264 1.49 -24.79 -24.19
CA LYS A 264 0.48 -24.00 -23.50
C LYS A 264 0.57 -22.53 -23.87
N LYS A 265 -0.58 -21.85 -23.88
CA LYS A 265 -0.65 -20.42 -24.17
C LYS A 265 -0.95 -19.66 -22.88
N GLY A 266 -0.19 -18.61 -22.63
CA GLY A 266 -0.42 -17.77 -21.47
C GLY A 266 -0.57 -16.32 -21.86
N PHE A 267 -1.07 -15.53 -20.89
CA PHE A 267 -1.28 -14.10 -21.03
C PHE A 267 -0.38 -13.41 -20.02
N LEU A 268 0.43 -12.46 -20.50
CA LEU A 268 1.45 -11.81 -19.69
C LEU A 268 1.03 -10.37 -19.40
N SER A 269 0.90 -10.03 -18.13
CA SER A 269 0.68 -8.66 -17.69
C SER A 269 1.89 -8.20 -16.88
N TYR A 270 1.88 -6.92 -16.48
CA TYR A 270 3.04 -6.31 -15.83
C TYR A 270 2.60 -5.36 -14.73
N SER A 271 3.15 -5.52 -13.54
CA SER A 271 2.91 -4.72 -12.33
C SER A 271 1.52 -4.93 -11.72
N MET A 272 0.78 -5.95 -12.13
CA MET A 272 -0.60 -6.03 -11.62
C MET A 272 -0.69 -6.52 -10.17
N GLY A 273 0.32 -7.23 -9.68
CA GLY A 273 0.43 -7.49 -8.24
C GLY A 273 -0.26 -8.79 -7.83
N GLY A 274 -1.34 -8.67 -7.04
CA GLY A 274 -2.10 -9.82 -6.61
C GLY A 274 -3.10 -10.25 -7.66
N ILE A 275 -2.91 -11.43 -8.23
CA ILE A 275 -3.57 -11.77 -9.49
C ILE A 275 -4.55 -12.94 -9.35
N SER A 276 -4.82 -13.40 -8.12
CA SER A 276 -5.66 -14.59 -7.98
C SER A 276 -7.06 -14.36 -8.57
N VAL A 277 -7.76 -13.34 -8.07
CA VAL A 277 -9.10 -13.05 -8.58
C VAL A 277 -9.04 -12.70 -10.06
N LEU A 278 -8.06 -11.85 -10.42
CA LEU A 278 -7.96 -11.38 -11.80
C LEU A 278 -7.75 -12.53 -12.77
N ALA A 279 -6.74 -13.36 -12.50
CA ALA A 279 -6.39 -14.43 -13.42
C ALA A 279 -7.48 -15.49 -13.48
N ASN A 280 -8.07 -15.82 -12.33
CA ASN A 280 -9.17 -16.79 -12.34
C ASN A 280 -10.30 -16.32 -13.25
N LEU A 281 -10.66 -15.03 -13.18
CA LEU A 281 -11.70 -14.50 -14.03
C LEU A 281 -11.26 -14.44 -15.49
N PHE A 282 -10.02 -14.02 -15.76
CA PHE A 282 -9.55 -13.97 -17.14
C PHE A 282 -9.59 -15.34 -17.78
N LEU A 283 -9.05 -16.34 -17.07
CA LEU A 283 -9.00 -17.68 -17.62
C LEU A 283 -10.38 -18.27 -17.81
N THR A 284 -11.34 -17.93 -16.95
CA THR A 284 -12.70 -18.41 -17.17
C THR A 284 -13.31 -17.77 -18.42
N GLN A 285 -13.21 -16.44 -18.53
CA GLN A 285 -13.76 -15.73 -19.68
C GLN A 285 -13.03 -16.06 -20.99
N ASN A 286 -11.79 -16.52 -20.90
CA ASN A 286 -10.95 -16.75 -22.09
C ASN A 286 -10.38 -18.15 -22.00
N PRO A 287 -11.20 -19.18 -22.19
CA PRO A 287 -10.75 -20.55 -21.94
C PRO A 287 -9.62 -20.99 -22.86
N ASP A 288 -9.35 -20.26 -23.94
CA ASP A 288 -8.28 -20.63 -24.86
C ASP A 288 -6.90 -20.41 -24.26
N PHE A 289 -6.80 -19.72 -23.14
CA PHE A 289 -5.53 -19.54 -22.45
C PHE A 289 -5.38 -20.61 -21.37
N ASP A 290 -4.15 -21.10 -21.22
CA ASP A 290 -3.81 -22.13 -20.24
C ASP A 290 -3.25 -21.57 -18.95
N PHE A 291 -2.57 -20.42 -18.99
CA PHE A 291 -2.06 -19.86 -17.75
C PHE A 291 -2.02 -18.35 -17.86
N TYR A 292 -1.83 -17.73 -16.71
CA TYR A 292 -1.71 -16.30 -16.59
C TYR A 292 -0.39 -16.04 -15.88
N ILE A 293 0.35 -15.04 -16.35
CA ILE A 293 1.65 -14.72 -15.76
C ILE A 293 1.77 -13.21 -15.64
N ASP A 294 2.11 -12.75 -14.43
CA ASP A 294 2.37 -11.34 -14.16
C ASP A 294 3.79 -11.20 -13.64
N VAL A 295 4.50 -10.18 -14.12
CA VAL A 295 5.85 -9.85 -13.68
C VAL A 295 5.83 -8.43 -13.14
N ASN A 296 6.64 -8.17 -12.12
CA ASN A 296 6.80 -6.80 -11.65
C ASN A 296 8.21 -6.30 -11.99
N ALA A 297 8.50 -5.06 -11.59
CA ALA A 297 9.73 -4.39 -11.98
C ALA A 297 10.96 -5.01 -11.34
N LYS A 298 10.80 -5.79 -10.28
CA LYS A 298 11.93 -6.47 -9.66
C LYS A 298 12.15 -7.86 -10.25
N GLY A 299 11.36 -8.25 -11.26
CA GLY A 299 11.50 -9.56 -11.85
C GLY A 299 10.74 -10.68 -11.17
N ASN A 300 10.03 -10.40 -10.07
CA ASN A 300 9.26 -11.45 -9.42
C ASN A 300 8.03 -11.80 -10.24
N VAL A 301 7.68 -13.09 -10.23
CA VAL A 301 6.69 -13.65 -11.14
C VAL A 301 5.58 -14.30 -10.33
N SER A 302 4.33 -14.07 -10.74
CA SER A 302 3.17 -14.78 -10.23
C SER A 302 2.51 -15.54 -11.36
N LEU A 303 2.23 -16.82 -11.15
CA LEU A 303 1.57 -17.64 -12.17
C LEU A 303 0.30 -18.24 -11.60
N ARG A 304 -0.73 -18.30 -12.43
CA ARG A 304 -1.99 -18.92 -12.07
C ARG A 304 -2.43 -19.77 -13.26
N ALA A 305 -3.18 -20.82 -12.96
CA ALA A 305 -3.80 -21.66 -13.99
C ALA A 305 -5.19 -22.08 -13.54
N ASN A 306 -5.91 -22.75 -14.44
CA ASN A 306 -7.25 -23.24 -14.17
C ASN A 306 -7.35 -24.72 -14.47
N GLY A 307 -6.27 -25.46 -14.23
CA GLY A 307 -6.23 -26.89 -14.42
C GLY A 307 -5.58 -27.35 -15.71
N ASN A 308 -5.31 -26.44 -16.65
CA ASN A 308 -4.80 -26.82 -17.96
C ASN A 308 -3.32 -26.51 -18.13
N CYS A 309 -2.62 -26.17 -17.06
CA CYS A 309 -1.17 -25.96 -17.13
C CYS A 309 -0.59 -26.03 -15.72
N ASP A 310 0.33 -26.96 -15.50
CA ASP A 310 0.99 -27.05 -14.22
C ASP A 310 1.98 -25.90 -14.06
N VAL A 311 1.54 -24.79 -13.45
CA VAL A 311 2.42 -23.63 -13.35
C VAL A 311 3.51 -23.83 -12.30
N CYS A 312 3.35 -24.80 -11.40
CA CYS A 312 4.47 -25.16 -10.52
C CYS A 312 5.64 -25.69 -11.34
N GLU A 313 5.37 -26.64 -12.24
CA GLU A 313 6.41 -27.14 -13.12
C GLU A 313 7.00 -26.03 -13.99
N LEU A 314 6.12 -25.17 -14.52
CA LEU A 314 6.57 -24.06 -15.37
C LEU A 314 7.57 -23.17 -14.63
N SER A 315 7.21 -22.73 -13.41
CA SER A 315 8.07 -21.77 -12.74
C SER A 315 9.35 -22.39 -12.23
N GLN A 316 9.38 -23.71 -11.95
CA GLN A 316 10.69 -24.28 -11.61
C GLN A 316 11.53 -24.59 -12.84
N MET A 317 10.91 -24.69 -14.02
CA MET A 317 11.71 -24.83 -15.23
C MET A 317 12.26 -23.48 -15.69
N CYS A 318 11.55 -22.39 -15.38
CA CYS A 318 11.82 -21.09 -15.96
C CYS A 318 12.21 -20.02 -14.96
N PHE A 319 11.69 -20.05 -13.74
CA PHE A 319 11.85 -18.91 -12.84
C PHE A 319 12.36 -19.32 -11.46
N ASN A 320 13.10 -20.44 -11.37
CA ASN A 320 13.68 -20.90 -10.10
C ASN A 320 12.66 -20.85 -8.96
N GLY A 321 11.41 -21.18 -9.27
CA GLY A 321 10.35 -21.03 -8.30
C GLY A 321 9.51 -22.28 -8.09
N GLY A 322 8.34 -22.10 -7.48
CA GLY A 322 7.49 -23.24 -7.17
C GLY A 322 6.15 -22.78 -6.63
N GLY A 323 5.39 -23.74 -6.11
CA GLY A 323 4.06 -23.48 -5.59
C GLY A 323 3.12 -24.66 -5.75
N HIS A 324 1.92 -24.42 -6.28
CA HIS A 324 0.93 -25.47 -6.54
C HIS A 324 0.65 -25.55 -8.04
N ARG A 325 -0.14 -26.56 -8.44
CA ARG A 325 -0.43 -26.78 -9.85
C ARG A 325 -1.10 -25.57 -10.50
N ASN A 326 -1.89 -24.82 -9.74
CA ASN A 326 -2.66 -23.70 -10.27
C ASN A 326 -2.20 -22.35 -9.75
N ALA A 327 -1.15 -22.29 -8.93
CA ALA A 327 -0.65 -21.02 -8.41
C ALA A 327 0.79 -21.22 -7.95
N SER A 328 1.67 -20.34 -8.41
CA SER A 328 3.11 -20.49 -8.18
C SER A 328 3.78 -19.12 -8.34
N GLY A 329 5.04 -19.06 -7.95
CA GLY A 329 5.83 -17.86 -8.12
C GLY A 329 7.27 -18.19 -8.43
N GLY A 330 8.05 -17.13 -8.58
CA GLY A 330 9.46 -17.25 -8.89
C GLY A 330 10.03 -15.88 -9.18
N LYS A 331 11.24 -15.88 -9.76
CA LYS A 331 11.95 -14.63 -10.04
C LYS A 331 12.77 -14.78 -11.32
N ILE A 332 12.92 -13.67 -12.04
CA ILE A 332 13.83 -13.56 -13.17
C ILE A 332 15.08 -12.84 -12.67
N ASP A 333 16.18 -13.57 -12.53
CA ASP A 333 17.46 -12.94 -12.25
C ASP A 333 17.89 -12.04 -13.39
N GLY A 334 18.44 -10.87 -13.06
CA GLY A 334 18.85 -9.92 -14.08
C GLY A 334 17.71 -9.29 -14.87
N PHE A 335 16.51 -9.24 -14.30
CA PHE A 335 15.38 -8.68 -15.02
C PHE A 335 15.55 -7.17 -15.20
N ARG A 336 15.22 -6.70 -16.40
CA ARG A 336 15.47 -5.33 -16.81
C ARG A 336 14.15 -4.56 -16.82
N GLU A 337 13.96 -3.72 -15.80
CA GLU A 337 12.74 -2.93 -15.68
C GLU A 337 12.55 -2.04 -16.90
N SER A 338 11.30 -1.69 -17.20
CA SER A 338 11.05 -0.85 -18.36
C SER A 338 9.64 -0.27 -18.26
N PHE A 339 9.41 0.83 -18.98
CA PHE A 339 8.05 1.32 -19.18
C PHE A 339 7.56 1.03 -20.60
N ASN A 340 8.25 0.16 -21.32
CA ASN A 340 7.86 -0.29 -22.65
C ASN A 340 7.42 -1.75 -22.52
N TYR A 341 6.13 -2.02 -22.76
CA TYR A 341 5.63 -3.38 -22.54
C TYR A 341 6.32 -4.40 -23.45
N ARG A 342 6.66 -4.01 -24.68
CA ARG A 342 7.33 -4.96 -25.57
C ARG A 342 8.67 -5.41 -24.98
N ASP A 343 9.41 -4.48 -24.36
CA ASP A 343 10.68 -4.83 -23.73
C ASP A 343 10.51 -5.90 -22.67
N ILE A 344 9.45 -5.78 -21.87
CA ILE A 344 9.20 -6.77 -20.82
C ILE A 344 8.85 -8.12 -21.43
N LYS A 345 8.01 -8.10 -22.47
CA LYS A 345 7.54 -9.33 -23.09
C LYS A 345 8.68 -10.11 -23.71
N GLU A 346 9.58 -9.40 -24.42
CA GLU A 346 10.74 -10.06 -25.02
C GLU A 346 11.53 -10.84 -23.99
N GLN A 347 11.62 -10.34 -22.76
CA GLN A 347 12.37 -11.06 -21.74
C GLN A 347 11.70 -12.38 -21.36
N ILE A 348 10.37 -12.39 -21.26
CA ILE A 348 9.64 -13.63 -21.05
C ILE A 348 9.82 -14.56 -22.25
N GLU A 349 9.61 -14.03 -23.46
CA GLU A 349 9.76 -14.84 -24.68
C GLU A 349 11.12 -15.53 -24.72
N GLU A 350 12.19 -14.80 -24.42
CA GLU A 350 13.53 -15.39 -24.44
C GLU A 350 13.60 -16.57 -23.48
N ILE A 351 13.10 -16.41 -22.26
CA ILE A 351 13.09 -17.51 -21.29
C ILE A 351 12.24 -18.68 -21.81
N PHE A 352 11.03 -18.38 -22.29
CA PHE A 352 10.14 -19.45 -22.76
C PHE A 352 10.66 -20.14 -24.00
N ASN A 353 11.49 -19.45 -24.80
CA ASN A 353 11.89 -20.00 -26.09
C ASN A 353 12.69 -21.29 -25.94
N ASN A 354 13.56 -21.36 -24.94
CA ASN A 354 14.35 -22.57 -24.69
C ASN A 354 13.64 -23.56 -23.78
N ALA A 355 12.48 -23.21 -23.26
CA ALA A 355 11.82 -24.02 -22.24
C ALA A 355 11.25 -25.31 -22.80
N HIS B 8 -3.47 -19.31 36.16
CA HIS B 8 -3.76 -19.33 34.72
C HIS B 8 -2.53 -19.75 33.93
N MET B 9 -2.62 -19.64 32.61
CA MET B 9 -1.51 -19.96 31.72
C MET B 9 -1.28 -18.80 30.77
N GLN B 10 -0.05 -18.30 30.74
CA GLN B 10 0.33 -17.20 29.87
C GLN B 10 0.62 -17.74 28.47
N VAL B 11 -0.14 -17.28 27.49
CA VAL B 11 0.03 -17.70 26.10
C VAL B 11 0.74 -16.59 25.33
N TYR B 12 1.71 -16.96 24.50
CA TYR B 12 2.29 -16.06 23.50
C TYR B 12 2.01 -16.65 22.13
N HIS B 13 1.43 -15.84 21.22
CA HIS B 13 0.96 -16.35 19.94
C HIS B 13 1.58 -15.55 18.80
N LEU B 14 2.43 -16.21 18.02
CA LEU B 14 3.10 -15.58 16.87
C LEU B 14 2.45 -16.09 15.59
N SER B 15 2.07 -15.17 14.71
CA SER B 15 1.41 -15.55 13.47
C SER B 15 1.89 -14.64 12.32
N HIS B 16 1.44 -14.98 11.11
CA HIS B 16 1.72 -14.24 9.88
C HIS B 16 0.82 -12.99 9.81
N ILE B 17 0.90 -12.24 8.71
CA ILE B 17 0.26 -10.93 8.64
C ILE B 17 -0.82 -10.82 7.58
N ASP B 18 -1.25 -11.92 6.97
CA ASP B 18 -2.34 -11.76 6.00
C ASP B 18 -3.67 -12.16 6.63
N LEU B 19 -4.69 -12.41 5.81
CA LEU B 19 -5.99 -12.81 6.38
C LEU B 19 -5.86 -14.06 7.24
N ASP B 20 -5.22 -15.10 6.70
CA ASP B 20 -5.04 -16.33 7.45
C ASP B 20 -4.24 -16.09 8.73
N GLY B 21 -3.15 -15.32 8.61
CA GLY B 21 -2.31 -15.05 9.78
C GLY B 21 -3.09 -14.39 10.90
N TYR B 22 -3.80 -13.30 10.59
CA TYR B 22 -4.49 -12.56 11.63
C TYR B 22 -5.69 -13.33 12.16
N ALA B 23 -6.37 -14.08 11.27
CA ALA B 23 -7.52 -14.87 11.72
C ALA B 23 -7.10 -15.93 12.74
N CYS B 24 -5.88 -16.45 12.63
CA CYS B 24 -5.37 -17.36 13.64
C CYS B 24 -5.47 -16.75 15.03
N GLN B 25 -5.25 -15.43 15.13
CA GLN B 25 -5.24 -14.77 16.43
C GLN B 25 -6.65 -14.39 16.89
N LEU B 26 -7.56 -14.12 15.95
CA LEU B 26 -8.97 -14.04 16.34
C LEU B 26 -9.38 -15.33 17.02
N VAL B 27 -8.94 -16.46 16.47
CA VAL B 27 -9.29 -17.77 17.00
C VAL B 27 -8.72 -17.93 18.39
N SER B 28 -7.40 -17.78 18.53
CA SER B 28 -6.78 -18.04 19.82
C SER B 28 -7.29 -17.09 20.90
N LYS B 29 -7.62 -15.85 20.52
CA LYS B 29 -8.19 -14.94 21.50
C LYS B 29 -9.56 -15.41 22.00
N GLN B 30 -10.21 -16.32 21.28
CA GLN B 30 -11.49 -16.84 21.76
C GLN B 30 -11.30 -17.91 22.82
N PHE B 31 -10.07 -18.39 23.01
CA PHE B 31 -9.79 -19.43 23.97
C PHE B 31 -9.01 -18.96 25.18
N PHE B 32 -8.18 -17.92 25.01
CA PHE B 32 -7.29 -17.44 26.06
C PHE B 32 -7.51 -15.95 26.30
N LYS B 33 -7.73 -15.57 27.56
CA LYS B 33 -7.73 -14.17 27.92
C LYS B 33 -6.34 -13.66 28.30
N ASN B 34 -5.49 -14.53 28.83
CA ASN B 34 -4.14 -14.16 29.24
C ASN B 34 -3.18 -14.53 28.11
N ILE B 35 -2.98 -13.59 27.17
CA ILE B 35 -2.35 -13.87 25.88
C ILE B 35 -1.69 -12.61 25.34
N GLN B 36 -0.50 -12.77 24.75
CA GLN B 36 0.19 -11.68 24.08
C GLN B 36 0.52 -12.15 22.68
N CYS B 37 0.08 -11.40 21.67
CA CYS B 37 0.24 -11.79 20.27
C CYS B 37 1.43 -11.08 19.61
N TYR B 38 1.96 -11.73 18.56
CA TYR B 38 3.09 -11.27 17.80
C TYR B 38 2.83 -11.58 16.33
N ASN B 39 3.41 -10.78 15.44
CA ASN B 39 3.24 -11.01 14.02
C ASN B 39 4.53 -10.74 13.26
N ALA B 40 4.71 -11.47 12.17
CA ALA B 40 5.89 -11.35 11.35
C ALA B 40 5.52 -11.70 9.91
N ASN B 41 6.20 -11.06 8.97
CA ASN B 41 6.02 -11.46 7.57
C ASN B 41 6.89 -12.69 7.28
N TYR B 42 8.20 -12.53 7.31
CA TYR B 42 9.04 -13.68 6.99
C TYR B 42 10.46 -13.42 7.46
N GLY B 43 11.27 -14.49 7.41
CA GLY B 43 12.70 -14.31 7.51
C GLY B 43 13.12 -13.78 8.87
N ARG B 44 13.96 -12.75 8.85
CA ARG B 44 14.54 -12.23 10.08
C ARG B 44 13.47 -11.79 11.08
N GLU B 45 12.35 -11.26 10.59
CA GLU B 45 11.30 -10.80 11.49
C GLU B 45 10.77 -11.96 12.33
N VAL B 46 10.68 -13.15 11.75
CA VAL B 46 10.18 -14.31 12.49
C VAL B 46 11.07 -14.60 13.69
N SER B 47 12.41 -14.66 13.47
CA SER B 47 13.29 -14.92 14.60
C SER B 47 13.29 -13.76 15.59
N ALA B 48 13.07 -12.53 15.12
CA ALA B 48 13.00 -11.41 16.05
C ALA B 48 11.83 -11.56 17.00
N ARG B 49 10.67 -12.02 16.51
CA ARG B 49 9.53 -12.24 17.40
C ARG B 49 9.79 -13.38 18.39
N ILE B 50 10.50 -14.41 17.93
CA ILE B 50 10.87 -15.50 18.82
C ILE B 50 11.73 -14.99 19.97
N TYR B 51 12.70 -14.14 19.67
CA TYR B 51 13.53 -13.56 20.73
C TYR B 51 12.69 -12.77 21.71
N GLU B 52 11.75 -11.96 21.20
CA GLU B 52 10.86 -11.22 22.09
C GLU B 52 10.10 -12.17 23.02
N ILE B 53 9.61 -13.27 22.48
CA ILE B 53 8.80 -14.20 23.27
C ILE B 53 9.63 -14.82 24.39
N LEU B 54 10.86 -15.27 24.08
CA LEU B 54 11.69 -15.86 25.11
C LEU B 54 12.11 -14.83 26.17
N ASN B 55 12.37 -13.58 25.76
CA ASN B 55 12.65 -12.53 26.72
C ASN B 55 11.45 -12.32 27.65
N ALA B 56 10.24 -12.32 27.10
CA ALA B 56 9.06 -12.12 27.92
C ALA B 56 8.89 -13.27 28.92
N ILE B 57 9.17 -14.50 28.47
CA ILE B 57 9.09 -15.64 29.37
C ILE B 57 10.10 -15.48 30.50
N ALA B 58 11.33 -15.09 30.17
CA ALA B 58 12.35 -14.90 31.19
C ALA B 58 11.94 -13.84 32.20
N GLN B 59 11.41 -12.71 31.73
CA GLN B 59 11.03 -11.62 32.63
C GLN B 59 9.74 -11.91 33.40
N SER B 60 8.94 -12.87 32.94
CA SER B 60 7.63 -13.12 33.53
C SER B 60 7.74 -13.82 34.88
N LYS B 61 6.85 -13.46 35.79
CA LYS B 61 6.83 -14.07 37.12
C LYS B 61 5.92 -15.30 37.17
N GLU B 62 5.34 -15.71 36.04
CA GLU B 62 4.48 -16.88 36.01
C GLU B 62 5.32 -18.14 35.79
N SER B 63 4.67 -19.30 35.81
CA SER B 63 5.39 -20.57 35.71
C SER B 63 4.80 -21.55 34.70
N GLU B 64 3.75 -21.19 33.98
CA GLU B 64 3.11 -22.05 32.99
C GLU B 64 2.86 -21.26 31.72
N PHE B 65 3.46 -21.72 30.61
CA PHE B 65 3.49 -20.96 29.37
C PHE B 65 3.10 -21.83 28.19
N LEU B 66 2.40 -21.24 27.23
CA LEU B 66 2.16 -21.84 25.91
C LEU B 66 2.66 -20.89 24.85
N ILE B 67 3.60 -21.35 24.02
CA ILE B 67 4.04 -20.65 22.83
C ILE B 67 3.33 -21.24 21.63
N LEU B 68 2.54 -20.42 20.95
CA LEU B 68 1.80 -20.84 19.76
C LEU B 68 2.36 -20.12 18.55
N VAL B 69 2.71 -20.88 17.52
CA VAL B 69 3.18 -20.32 16.25
C VAL B 69 2.28 -20.89 15.15
N SER B 70 1.69 -20.00 14.35
CA SER B 70 0.82 -20.41 13.26
C SER B 70 1.19 -19.71 11.96
N ASP B 71 0.95 -20.41 10.84
CA ASP B 71 1.07 -19.84 9.49
C ASP B 71 2.50 -19.39 9.18
N LEU B 72 3.48 -19.99 9.83
CA LEU B 72 4.87 -19.62 9.59
C LEU B 72 5.70 -20.89 9.61
N ASN B 73 6.64 -20.99 8.69
CA ASN B 73 7.59 -22.07 8.80
C ASN B 73 8.89 -21.56 9.46
N LEU B 74 9.58 -22.45 10.15
CA LEU B 74 10.87 -22.14 10.74
C LEU B 74 11.96 -22.94 10.04
N ASN B 75 13.17 -22.42 10.07
CA ASN B 75 14.31 -23.20 9.62
C ASN B 75 14.83 -24.03 10.78
N LEU B 76 15.84 -24.86 10.50
CA LEU B 76 16.36 -25.75 11.54
C LEU B 76 17.04 -24.97 12.66
N ASN B 77 17.81 -23.94 12.32
CA ASN B 77 18.46 -23.13 13.35
C ASN B 77 17.44 -22.54 14.31
N GLU B 78 16.32 -22.04 13.78
CA GLU B 78 15.29 -21.47 14.63
C GLU B 78 14.65 -22.54 15.51
N ALA B 79 14.39 -23.73 14.94
CA ALA B 79 13.72 -24.76 15.70
C ALA B 79 14.60 -25.27 16.84
N GLU B 80 15.88 -25.48 16.57
CA GLU B 80 16.79 -25.99 17.58
C GLU B 80 17.02 -24.98 18.69
N TYR B 81 17.16 -23.70 18.32
CA TYR B 81 17.30 -22.64 19.33
C TYR B 81 16.09 -22.59 20.24
N LEU B 82 14.91 -22.70 19.63
CA LEU B 82 13.65 -22.69 20.38
C LEU B 82 13.63 -23.78 21.43
N GLN B 83 13.94 -25.02 21.03
CA GLN B 83 13.86 -26.12 21.98
C GLN B 83 14.96 -26.04 23.04
N ASP B 84 16.17 -25.66 22.63
CA ASP B 84 17.24 -25.44 23.61
C ASP B 84 16.78 -24.48 24.70
N LYS B 85 16.33 -23.30 24.29
CA LYS B 85 15.99 -22.25 25.24
C LYS B 85 14.81 -22.66 26.11
N ILE B 86 13.85 -23.41 25.54
CA ILE B 86 12.72 -23.90 26.33
C ILE B 86 13.20 -24.90 27.37
N GLN B 87 14.21 -25.69 27.05
CA GLN B 87 14.74 -26.64 28.02
C GLN B 87 15.53 -25.94 29.11
N GLU B 88 16.27 -24.88 28.78
CA GLU B 88 17.00 -24.14 29.80
C GLU B 88 16.04 -23.42 30.74
N HIS B 89 14.89 -22.97 30.23
CA HIS B 89 13.93 -22.27 31.08
C HIS B 89 13.17 -23.24 31.98
N ARG B 90 13.00 -24.48 31.55
CA ARG B 90 12.37 -25.48 32.42
C ARG B 90 13.19 -25.71 33.69
N LEU B 91 14.51 -25.58 33.59
CA LEU B 91 15.36 -25.69 34.76
C LEU B 91 15.06 -24.60 35.79
N GLN B 92 14.51 -23.46 35.34
CA GLN B 92 14.11 -22.36 36.21
C GLN B 92 12.68 -22.50 36.72
N ASN B 93 12.16 -23.73 36.78
CA ASN B 93 10.81 -24.02 37.28
C ASN B 93 9.75 -23.31 36.45
N LYS B 94 9.89 -23.38 35.12
CA LYS B 94 8.90 -22.84 34.19
C LYS B 94 8.53 -23.93 33.20
N ASN B 95 7.29 -24.38 33.26
CA ASN B 95 6.75 -25.33 32.29
C ASN B 95 6.30 -24.57 31.04
N ILE B 96 6.93 -24.87 29.91
CA ILE B 96 6.70 -24.17 28.65
C ILE B 96 6.28 -25.19 27.60
N GLN B 97 5.04 -25.11 27.13
CA GLN B 97 4.61 -25.90 25.98
C GLN B 97 4.75 -25.07 24.72
N ILE B 98 5.05 -25.75 23.61
CA ILE B 98 5.16 -25.10 22.31
C ILE B 98 4.37 -25.90 21.29
N GLN B 99 3.65 -25.19 20.41
CA GLN B 99 2.90 -25.81 19.33
C GLN B 99 2.98 -24.92 18.11
N LEU B 100 3.64 -25.39 17.06
CA LEU B 100 3.63 -24.75 15.75
C LEU B 100 2.59 -25.43 14.87
N LEU B 101 1.84 -24.63 14.13
CA LEU B 101 0.77 -25.14 13.28
C LEU B 101 0.85 -24.41 11.95
N ASP B 102 1.16 -25.13 10.89
CA ASP B 102 1.44 -24.48 9.62
C ASP B 102 1.06 -25.41 8.49
N HIS B 103 0.96 -24.84 7.28
CA HIS B 103 0.58 -25.60 6.10
C HIS B 103 1.59 -25.49 4.97
N HIS B 104 2.78 -24.92 5.21
CA HIS B 104 3.77 -24.70 4.15
C HIS B 104 4.73 -25.88 4.09
N ILE B 105 4.73 -26.56 2.95
CA ILE B 105 5.58 -27.74 2.74
C ILE B 105 7.07 -27.41 2.85
N SER B 106 7.43 -26.12 2.79
CA SER B 106 8.84 -25.74 2.90
C SER B 106 9.48 -26.21 4.21
N GLY B 107 8.67 -26.47 5.25
CA GLY B 107 9.23 -26.90 6.52
C GLY B 107 9.04 -28.37 6.84
N LYS B 108 8.94 -29.22 5.82
CA LYS B 108 8.65 -30.62 6.06
C LYS B 108 9.77 -31.29 6.86
N GLU B 109 11.02 -31.06 6.48
CA GLU B 109 12.13 -31.67 7.22
C GLU B 109 12.14 -31.18 8.67
N VAL B 110 11.75 -29.92 8.89
CA VAL B 110 11.68 -29.45 10.26
C VAL B 110 10.49 -30.08 10.98
N ALA B 111 9.36 -30.26 10.27
CA ALA B 111 8.21 -30.93 10.86
C ALA B 111 8.51 -32.40 11.17
N GLU B 112 9.30 -33.07 10.33
CA GLU B 112 9.64 -34.46 10.59
C GLU B 112 10.61 -34.61 11.75
N SER B 113 11.23 -33.52 12.22
CA SER B 113 12.26 -33.58 13.24
C SER B 113 11.80 -33.20 14.63
N PHE B 114 10.65 -32.53 14.78
CA PHE B 114 10.20 -32.02 16.07
C PHE B 114 8.74 -32.36 16.30
N HIS B 115 8.46 -33.01 17.43
CA HIS B 115 7.10 -33.46 17.72
C HIS B 115 6.12 -32.31 17.91
N TRP B 116 6.60 -31.11 18.27
CA TRP B 116 5.73 -29.95 18.45
C TRP B 116 5.47 -29.18 17.17
N TYR B 117 5.99 -29.65 16.03
CA TYR B 117 5.88 -28.95 14.74
C TYR B 117 4.90 -29.73 13.86
N PHE B 118 3.65 -29.27 13.82
CA PHE B 118 2.62 -29.92 13.03
C PHE B 118 2.48 -29.25 11.67
N LEU B 119 2.51 -30.05 10.61
CA LEU B 119 2.37 -29.56 9.24
C LEU B 119 1.21 -30.29 8.56
N ASP B 120 0.28 -29.52 8.02
CA ASP B 120 -0.81 -30.06 7.22
C ASP B 120 -0.99 -29.13 6.03
N THR B 121 -0.56 -29.57 4.85
CA THR B 121 -0.65 -28.74 3.66
C THR B 121 -2.06 -28.66 3.09
N ASN B 122 -3.03 -29.35 3.70
CA ASN B 122 -4.39 -29.41 3.16
C ASN B 122 -5.36 -28.42 3.79
N ARG B 123 -4.96 -27.73 4.85
CA ARG B 123 -5.84 -26.75 5.49
C ARG B 123 -5.11 -25.43 5.67
N CYS B 124 -5.87 -24.35 5.71
CA CYS B 124 -5.27 -23.08 6.09
C CYS B 124 -4.90 -23.11 7.57
N ALA B 125 -4.01 -22.19 7.94
CA ALA B 125 -3.51 -22.18 9.30
C ALA B 125 -4.63 -21.90 10.30
N THR B 126 -5.57 -21.03 9.93
CA THR B 126 -6.63 -20.66 10.88
C THR B 126 -7.45 -21.88 11.26
N LYS B 127 -7.77 -22.73 10.29
CA LYS B 127 -8.52 -23.94 10.59
C LYS B 127 -7.70 -24.92 11.42
N ILE B 128 -6.41 -25.08 11.10
CA ILE B 128 -5.54 -25.96 11.90
C ILE B 128 -5.51 -25.48 13.34
N VAL B 129 -5.39 -24.17 13.53
CA VAL B 129 -5.38 -23.60 14.88
C VAL B 129 -6.71 -23.84 15.56
N TYR B 130 -7.82 -23.55 14.87
CA TYR B 130 -9.13 -23.72 15.50
C TYR B 130 -9.36 -25.17 15.86
N GLU B 131 -9.03 -26.09 14.96
CA GLU B 131 -9.28 -27.49 15.26
C GLU B 131 -8.35 -27.99 16.35
N PHE B 132 -7.13 -27.47 16.43
CA PHE B 132 -6.24 -27.88 17.50
C PHE B 132 -6.72 -27.36 18.85
N LEU B 133 -7.24 -26.13 18.90
CA LEU B 133 -7.67 -25.59 20.18
C LEU B 133 -9.01 -26.16 20.63
N LYS B 134 -9.92 -26.44 19.68
CA LYS B 134 -11.18 -27.08 20.05
C LYS B 134 -10.94 -28.42 20.72
N LYS B 135 -9.97 -29.19 20.21
CA LYS B 135 -9.72 -30.51 20.77
C LYS B 135 -9.15 -30.43 22.18
N HIS B 136 -8.22 -29.49 22.42
CA HIS B 136 -7.45 -29.52 23.66
C HIS B 136 -7.88 -28.50 24.70
N TYR B 137 -8.67 -27.49 24.33
CA TYR B 137 -9.10 -26.48 25.28
C TYR B 137 -10.58 -26.22 25.09
N ALA B 138 -11.16 -25.43 26.00
CA ALA B 138 -12.57 -25.06 25.94
C ALA B 138 -12.69 -23.59 25.57
N ILE B 139 -13.49 -23.30 24.53
CA ILE B 139 -13.72 -21.93 24.10
C ILE B 139 -14.32 -21.14 25.26
N LEU B 140 -13.95 -19.87 25.38
CA LEU B 140 -14.41 -19.10 26.53
C LEU B 140 -15.91 -18.83 26.48
N GLU B 141 -16.46 -18.64 25.28
CA GLU B 141 -17.90 -18.41 25.11
C GLU B 141 -18.44 -19.41 24.09
N PRO B 142 -19.11 -20.48 24.53
CA PRO B 142 -19.60 -21.49 23.59
C PRO B 142 -20.59 -20.94 22.58
N LYS B 143 -21.30 -19.85 22.92
CA LYS B 143 -22.21 -19.24 21.97
C LYS B 143 -21.49 -18.73 20.73
N ASN B 144 -20.26 -18.25 20.87
CA ASN B 144 -19.55 -17.69 19.72
C ASN B 144 -19.21 -18.72 18.65
N THR B 145 -19.38 -20.01 18.96
CA THR B 145 -19.07 -21.07 18.00
C THR B 145 -19.94 -20.98 16.75
N THR B 146 -21.17 -20.48 16.85
CA THR B 146 -22.04 -20.46 15.69
C THR B 146 -21.57 -19.48 14.63
N TRP B 147 -20.85 -18.42 15.00
CA TRP B 147 -20.24 -17.59 13.98
C TRP B 147 -18.75 -17.84 13.79
N LEU B 148 -18.07 -18.36 14.80
CA LEU B 148 -16.62 -18.59 14.67
C LEU B 148 -16.34 -19.70 13.67
N GLU B 149 -17.11 -20.79 13.68
CA GLU B 149 -16.87 -21.86 12.72
C GLU B 149 -17.10 -21.42 11.26
N PRO B 150 -18.20 -20.74 10.90
CA PRO B 150 -18.28 -20.21 9.53
C PRO B 150 -17.15 -19.26 9.19
N LEU B 151 -16.72 -18.44 10.14
CA LEU B 151 -15.64 -17.50 9.86
C LEU B 151 -14.38 -18.28 9.50
N VAL B 152 -14.08 -19.34 10.26
CA VAL B 152 -12.91 -20.16 9.98
C VAL B 152 -13.02 -20.79 8.60
N GLU B 153 -14.18 -21.38 8.29
CA GLU B 153 -14.37 -22.00 6.99
C GLU B 153 -14.26 -20.97 5.86
N MET B 154 -14.73 -19.75 6.10
CA MET B 154 -14.58 -18.68 5.11
C MET B 154 -13.11 -18.44 4.79
N VAL B 155 -12.29 -18.30 5.83
CA VAL B 155 -10.87 -18.12 5.64
C VAL B 155 -10.27 -19.31 4.89
N ASN B 156 -10.73 -20.50 5.24
CA ASN B 156 -10.16 -21.68 4.61
C ASN B 156 -10.48 -21.72 3.13
N SER B 157 -11.70 -21.35 2.75
CA SER B 157 -12.07 -21.40 1.34
C SER B 157 -11.23 -20.46 0.49
N VAL B 158 -10.96 -19.25 1.00
CA VAL B 158 -10.19 -18.32 0.17
CA VAL B 158 -10.19 -18.32 0.18
C VAL B 158 -8.71 -18.65 0.21
N ASP B 159 -8.23 -19.29 1.29
CA ASP B 159 -6.81 -19.62 1.36
C ASP B 159 -6.46 -20.79 0.44
N ILE B 160 -7.32 -21.82 0.40
CA ILE B 160 -7.08 -22.93 -0.51
C ILE B 160 -7.62 -22.65 -1.89
N TRP B 161 -8.17 -21.46 -2.10
CA TRP B 161 -8.78 -21.06 -3.36
C TRP B 161 -9.83 -22.07 -3.83
N ASP B 162 -10.73 -22.44 -2.92
CA ASP B 162 -11.88 -23.27 -3.28
C ASP B 162 -13.02 -22.34 -3.71
N THR B 163 -13.22 -22.24 -5.02
CA THR B 163 -14.29 -21.39 -5.56
C THR B 163 -15.66 -21.77 -5.01
N GLN B 164 -15.89 -23.05 -4.77
CA GLN B 164 -17.19 -23.52 -4.29
C GLN B 164 -17.27 -23.60 -2.77
N GLY B 165 -16.16 -23.39 -2.06
CA GLY B 165 -16.18 -23.53 -0.61
C GLY B 165 -17.03 -22.47 0.06
N TYR B 166 -17.55 -22.82 1.24
CA TYR B 166 -18.34 -21.87 2.01
C TYR B 166 -17.59 -20.57 2.21
N GLY B 167 -18.31 -19.46 2.05
CA GLY B 167 -17.80 -18.16 2.38
C GLY B 167 -16.75 -17.61 1.44
N PHE B 168 -16.62 -18.18 0.23
CA PHE B 168 -15.53 -17.78 -0.66
C PHE B 168 -15.64 -16.32 -1.07
N GLU B 169 -16.84 -15.90 -1.48
CA GLU B 169 -17.00 -14.51 -1.92
C GLU B 169 -16.78 -13.56 -0.75
N LEU B 170 -17.30 -13.89 0.43
CA LEU B 170 -17.07 -13.04 1.59
C LEU B 170 -15.59 -13.00 1.95
N GLY B 171 -14.90 -14.13 1.81
CA GLY B 171 -13.49 -14.17 2.15
C GLY B 171 -12.66 -13.24 1.30
N LYS B 172 -13.01 -13.09 0.03
CA LYS B 172 -12.30 -12.15 -0.84
C LYS B 172 -12.45 -10.71 -0.34
N VAL B 173 -13.62 -10.36 0.17
CA VAL B 173 -13.79 -9.05 0.79
C VAL B 173 -12.86 -8.91 1.98
N CYS B 174 -12.81 -9.94 2.84
CA CYS B 174 -11.94 -9.87 4.00
C CYS B 174 -10.47 -9.81 3.60
N MET B 175 -10.09 -10.43 2.47
CA MET B 175 -8.73 -10.22 1.99
C MET B 175 -8.50 -8.74 1.66
N ARG B 176 -9.45 -8.09 0.99
CA ARG B 176 -9.31 -6.66 0.73
C ARG B 176 -9.28 -5.86 2.03
N MET B 177 -10.13 -6.23 2.99
CA MET B 177 -10.12 -5.53 4.28
C MET B 177 -8.74 -5.59 4.96
N ILE B 178 -8.13 -6.79 4.99
CA ILE B 178 -6.84 -6.96 5.65
C ILE B 178 -5.76 -6.16 4.92
N THR B 179 -5.75 -6.26 3.58
CA THR B 179 -4.75 -5.55 2.78
C THR B 179 -4.86 -4.04 2.93
N GLN B 180 -6.08 -3.49 3.00
CA GLN B 180 -6.30 -2.05 2.94
C GLN B 180 -6.46 -1.40 4.32
N SER B 181 -6.44 -2.16 5.41
CA SER B 181 -6.61 -1.54 6.73
C SER B 181 -5.25 -1.18 7.32
N SER B 182 -4.53 -0.30 6.61
CA SER B 182 -3.18 0.09 6.98
CA SER B 182 -3.18 0.09 6.98
C SER B 182 -3.12 1.46 7.64
N GLU B 183 -4.21 1.89 8.29
CA GLU B 183 -4.21 3.24 8.85
C GLU B 183 -3.30 3.35 10.08
N LEU B 184 -3.11 2.25 10.81
CA LEU B 184 -2.30 2.21 12.01
C LEU B 184 -1.02 1.44 11.68
N ASN B 185 0.08 2.18 11.63
CA ASN B 185 1.42 1.65 11.33
C ASN B 185 1.75 0.47 12.23
N ARG B 186 2.08 -0.66 11.61
CA ARG B 186 2.29 -1.89 12.37
C ARG B 186 3.55 -1.85 13.23
N PHE B 187 4.53 -1.00 12.91
CA PHE B 187 5.73 -0.97 13.75
C PHE B 187 5.50 -0.20 15.04
N MET B 188 4.96 1.01 14.93
CA MET B 188 4.72 1.86 16.09
C MET B 188 3.47 1.46 16.87
N PHE B 189 2.51 0.81 16.22
CA PHE B 189 1.16 0.60 16.76
C PHE B 189 0.76 -0.88 16.64
N ASP B 190 1.64 -1.77 17.09
CA ASP B 190 1.51 -3.20 16.77
C ASP B 190 0.22 -3.80 17.36
N ASP B 191 0.00 -3.62 18.66
CA ASP B 191 -1.20 -4.17 19.29
C ASP B 191 -2.46 -3.47 18.80
N GLU B 192 -2.37 -2.17 18.49
CA GLU B 192 -3.54 -1.42 18.05
C GLU B 192 -3.90 -1.76 16.60
N ASN B 193 -2.89 -1.95 15.75
CA ASN B 193 -3.15 -2.44 14.40
C ASN B 193 -3.83 -3.81 14.45
N ARG B 194 -3.37 -4.69 15.34
CA ARG B 194 -3.96 -6.03 15.46
C ARG B 194 -5.37 -5.94 16.01
N ASP B 195 -5.56 -5.16 17.07
CA ASP B 195 -6.91 -5.02 17.62
C ASP B 195 -7.86 -4.52 16.56
N TYR B 196 -7.39 -3.57 15.74
CA TYR B 196 -8.22 -2.95 14.70
C TYR B 196 -8.63 -3.97 13.64
N LYS B 197 -7.66 -4.73 13.09
CA LYS B 197 -7.99 -5.75 12.09
C LYS B 197 -8.88 -6.84 12.68
N LEU B 198 -8.63 -7.24 13.93
CA LEU B 198 -9.42 -8.30 14.53
C LEU B 198 -10.86 -7.86 14.77
N LYS B 199 -11.05 -6.58 15.14
CA LYS B 199 -12.40 -6.05 15.30
C LYS B 199 -13.16 -6.09 13.97
N LEU B 200 -12.58 -5.50 12.93
CA LEU B 200 -13.17 -5.56 11.60
C LEU B 200 -13.47 -6.99 11.18
N LEU B 201 -12.55 -7.92 11.45
CA LEU B 201 -12.77 -9.31 11.07
C LEU B 201 -13.92 -9.93 11.86
N GLU B 202 -13.95 -9.73 13.18
CA GLU B 202 -15.02 -10.28 13.98
C GLU B 202 -16.37 -9.72 13.57
N GLU B 203 -16.39 -8.46 13.15
CA GLU B 203 -17.66 -7.86 12.78
C GLU B 203 -18.32 -8.56 11.60
N VAL B 204 -17.57 -9.42 10.88
CA VAL B 204 -18.14 -10.21 9.80
C VAL B 204 -19.27 -11.08 10.32
N LYS B 205 -19.24 -11.43 11.61
CA LYS B 205 -20.30 -12.25 12.18
C LYS B 205 -21.67 -11.61 12.01
N ASN B 206 -21.73 -10.28 11.91
CA ASN B 206 -23.02 -9.59 11.79
C ASN B 206 -23.59 -9.63 10.38
N TYR B 207 -22.84 -10.18 9.43
CA TYR B 207 -23.26 -10.24 8.04
C TYR B 207 -23.35 -11.66 7.51
N LEU B 208 -22.72 -12.62 8.20
CA LEU B 208 -22.53 -13.98 7.68
C LEU B 208 -23.83 -14.57 7.16
N PHE B 209 -24.92 -14.34 7.87
CA PHE B 209 -26.18 -15.03 7.59
C PHE B 209 -27.16 -14.13 6.86
N LEU B 210 -26.69 -13.05 6.26
CA LEU B 210 -27.50 -12.25 5.35
C LEU B 210 -27.49 -12.91 3.98
N GLU B 211 -28.60 -12.72 3.24
CA GLU B 211 -28.69 -13.28 1.89
C GLU B 211 -27.58 -12.74 0.99
N ASN B 212 -27.19 -11.47 1.16
CA ASN B 212 -26.15 -10.87 0.33
C ASN B 212 -24.89 -10.57 1.14
N ALA B 213 -24.44 -11.52 1.96
CA ALA B 213 -23.34 -11.28 2.89
C ALA B 213 -22.13 -10.56 2.29
N PRO B 214 -21.54 -10.99 1.18
CA PRO B 214 -20.32 -10.29 0.71
C PRO B 214 -20.56 -8.83 0.35
N VAL B 215 -21.68 -8.54 -0.31
CA VAL B 215 -21.96 -7.17 -0.72
C VAL B 215 -22.34 -6.30 0.47
N ALA B 216 -23.08 -6.87 1.43
CA ALA B 216 -23.49 -6.08 2.59
C ALA B 216 -22.28 -5.66 3.41
N TYR B 217 -21.36 -6.60 3.66
CA TYR B 217 -20.17 -6.27 4.42
C TYR B 217 -19.26 -5.36 3.62
N ASP B 218 -19.09 -5.64 2.32
CA ASP B 218 -18.30 -4.78 1.45
C ASP B 218 -18.78 -3.34 1.52
N ASN B 219 -20.09 -3.13 1.47
CA ASN B 219 -20.69 -1.79 1.45
C ASN B 219 -20.76 -1.15 2.83
N ASP B 220 -20.46 -1.88 3.90
CA ASP B 220 -20.45 -1.31 5.23
C ASP B 220 -19.04 -1.09 5.78
N LEU B 221 -18.01 -1.59 5.11
CA LEU B 221 -16.68 -1.67 5.72
C LEU B 221 -16.14 -0.28 6.05
N PHE B 222 -16.43 0.72 5.21
CA PHE B 222 -15.86 2.04 5.42
C PHE B 222 -16.36 2.65 6.73
N ARG B 223 -17.67 2.61 6.94
CA ARG B 223 -18.23 3.04 8.22
C ARG B 223 -17.62 2.25 9.38
N LEU B 224 -17.60 0.92 9.25
CA LEU B 224 -16.97 0.08 10.28
C LEU B 224 -15.55 0.52 10.57
N LYS B 225 -14.78 0.86 9.53
CA LYS B 225 -13.39 1.26 9.75
C LYS B 225 -13.31 2.57 10.52
N LYS B 226 -14.11 3.57 10.12
CA LYS B 226 -14.17 4.82 10.86
C LYS B 226 -14.52 4.58 12.33
N ILE B 227 -15.51 3.73 12.59
CA ILE B 227 -15.90 3.47 13.98
C ILE B 227 -14.75 2.80 14.74
N ALA B 228 -14.14 1.77 14.15
CA ALA B 228 -13.10 1.02 14.86
C ALA B 228 -11.86 1.87 15.12
N LEU B 229 -11.65 2.93 14.34
CA LEU B 229 -10.59 3.87 14.64
C LEU B 229 -10.99 4.91 15.69
N GLY B 230 -12.21 4.85 16.21
CA GLY B 230 -12.63 5.75 17.23
C GLY B 230 -13.21 7.06 16.75
N GLY B 231 -13.69 7.12 15.51
CA GLY B 231 -14.27 8.34 14.98
C GLY B 231 -15.80 8.25 14.86
N ASP B 232 -16.41 9.40 14.55
CA ASP B 232 -17.84 9.51 14.29
C ASP B 232 -18.05 9.48 12.78
N PRO B 233 -18.52 8.38 12.20
CA PRO B 233 -18.56 8.29 10.73
C PRO B 233 -19.46 9.32 10.07
N ASP B 234 -20.46 9.86 10.80
CA ASP B 234 -21.36 10.83 10.20
C ASP B 234 -20.81 12.25 10.20
N THR B 235 -19.80 12.56 11.00
CA THR B 235 -19.36 13.95 11.13
C THR B 235 -17.85 14.15 10.99
N GLU B 236 -17.08 13.12 10.66
CA GLU B 236 -15.64 13.22 10.57
C GLU B 236 -15.15 12.54 9.31
N THR B 237 -14.13 13.11 8.68
CA THR B 237 -13.50 12.45 7.54
C THR B 237 -12.54 11.37 8.03
N MET B 238 -12.41 10.31 7.22
CA MET B 238 -11.42 9.27 7.55
C MET B 238 -10.03 9.87 7.80
N ASP B 239 -9.69 10.96 7.10
CA ASP B 239 -8.37 11.57 7.26
C ASP B 239 -8.16 12.11 8.67
N ASN B 240 -9.15 12.82 9.22
CA ASN B 240 -8.99 13.32 10.58
C ASN B 240 -9.15 12.22 11.62
N ILE B 241 -9.99 11.23 11.32
CA ILE B 241 -10.13 10.07 12.19
C ILE B 241 -8.78 9.35 12.34
N SER B 242 -8.13 9.04 11.21
CA SER B 242 -6.86 8.33 11.22
C SER B 242 -5.79 9.14 11.95
N SER B 243 -5.64 10.42 11.61
CA SER B 243 -4.57 11.19 12.21
C SER B 243 -4.84 11.45 13.70
N ASN B 244 -6.11 11.67 14.08
CA ASN B 244 -6.41 11.74 15.51
C ASN B 244 -6.04 10.43 16.20
N ALA B 245 -6.35 9.29 15.59
CA ALA B 245 -6.03 8.03 16.26
C ALA B 245 -4.53 7.85 16.38
N GLN B 246 -3.78 8.25 15.35
CA GLN B 246 -2.33 8.16 15.42
C GLN B 246 -1.77 9.02 16.53
N THR B 247 -2.18 10.29 16.59
CA THR B 247 -1.58 11.18 17.59
C THR B 247 -1.99 10.77 19.01
N HIS B 248 -3.21 10.26 19.20
CA HIS B 248 -3.58 9.73 20.51
C HIS B 248 -2.70 8.54 20.90
N LEU B 249 -2.41 7.66 19.96
CA LEU B 249 -1.56 6.51 20.29
C LEU B 249 -0.12 6.95 20.54
N LEU B 250 0.38 7.93 19.78
CA LEU B 250 1.71 8.44 20.05
C LEU B 250 1.79 9.01 21.46
N SER B 251 0.79 9.79 21.86
CA SER B 251 0.77 10.35 23.21
C SER B 251 0.86 9.25 24.26
N LEU B 252 0.07 8.19 24.10
CA LEU B 252 0.06 7.10 25.07
C LEU B 252 1.43 6.46 25.23
N LYS B 253 2.30 6.56 24.23
CA LYS B 253 3.59 5.89 24.23
C LYS B 253 4.75 6.85 24.46
N LYS B 254 4.48 8.09 24.85
CA LYS B 254 5.53 9.11 24.85
C LYS B 254 6.64 8.78 25.85
N HIS B 255 6.32 8.16 26.98
CA HIS B 255 7.37 7.85 27.94
C HIS B 255 8.31 6.77 27.41
N ASP B 256 7.79 5.84 26.61
CA ASP B 256 8.66 4.81 26.03
C ASP B 256 9.40 5.29 24.79
N CYS B 257 8.94 6.36 24.14
CA CYS B 257 9.54 6.87 22.93
C CYS B 257 10.34 8.15 23.17
N SER B 258 10.70 8.41 24.42
CA SER B 258 11.35 9.66 24.76
C SER B 258 12.85 9.53 24.56
N VAL B 259 13.42 10.51 23.86
CA VAL B 259 14.85 10.65 23.67
C VAL B 259 15.24 12.05 24.12
N TYR B 260 16.47 12.20 24.57
CA TYR B 260 16.92 13.45 25.16
C TYR B 260 18.20 13.89 24.47
N TYR B 261 18.17 15.11 23.92
CA TYR B 261 19.34 15.74 23.32
C TYR B 261 19.66 16.99 24.10
N GLN B 262 20.84 17.02 24.71
CA GLN B 262 21.24 18.11 25.59
C GLN B 262 20.15 18.37 26.62
N ASP B 263 19.49 19.53 26.54
CA ASP B 263 18.40 19.87 27.44
C ASP B 263 17.04 19.78 26.76
N LYS B 264 16.97 19.12 25.60
CA LYS B 264 15.74 19.00 24.84
C LYS B 264 15.24 17.56 24.87
N LYS B 265 13.93 17.40 24.92
CA LYS B 265 13.30 16.08 24.87
C LYS B 265 12.68 15.86 23.50
N GLY B 266 12.96 14.70 22.91
CA GLY B 266 12.36 14.35 21.63
C GLY B 266 11.44 13.14 21.72
N PHE B 267 10.54 13.03 20.75
CA PHE B 267 9.73 11.83 20.51
C PHE B 267 10.25 11.12 19.27
N LEU B 268 10.65 9.86 19.43
CA LEU B 268 11.28 9.09 18.34
C LEU B 268 10.29 8.06 17.80
N SER B 269 9.99 8.15 16.50
CA SER B 269 9.25 7.10 15.82
C SER B 269 10.11 6.47 14.72
N TYR B 270 9.58 5.41 14.13
CA TYR B 270 10.28 4.61 13.13
C TYR B 270 9.30 4.20 12.05
N SER B 271 9.61 4.57 10.80
CA SER B 271 8.90 4.14 9.60
C SER B 271 7.50 4.75 9.48
N MET B 272 7.24 5.89 10.10
CA MET B 272 5.96 6.55 9.86
C MET B 272 5.95 7.22 8.48
N GLY B 273 4.76 7.54 8.02
CA GLY B 273 4.59 8.31 6.79
C GLY B 273 3.83 9.60 7.07
N GLY B 274 4.10 10.61 6.25
CA GLY B 274 3.50 11.92 6.46
C GLY B 274 3.99 12.54 7.75
N ILE B 275 5.31 12.55 7.94
CA ILE B 275 5.90 13.01 9.20
C ILE B 275 5.56 14.47 9.47
N SER B 276 5.61 15.32 8.43
CA SER B 276 5.41 16.75 8.65
C SER B 276 4.05 17.03 9.27
N VAL B 277 3.00 16.41 8.75
CA VAL B 277 1.67 16.59 9.32
C VAL B 277 1.60 15.99 10.71
N LEU B 278 2.03 14.74 10.84
CA LEU B 278 1.94 14.01 12.10
C LEU B 278 2.78 14.66 13.19
N ALA B 279 4.02 15.05 12.86
CA ALA B 279 4.88 15.65 13.87
C ALA B 279 4.29 16.97 14.37
N ASN B 280 3.64 17.70 13.46
CA ASN B 280 3.01 18.97 13.85
C ASN B 280 1.89 18.72 14.85
N LEU B 281 1.03 17.75 14.58
CA LEU B 281 -0.09 17.48 15.49
C LEU B 281 0.42 16.95 16.82
N PHE B 282 1.48 16.14 16.81
CA PHE B 282 2.00 15.62 18.07
C PHE B 282 2.54 16.74 18.95
N LEU B 283 3.43 17.57 18.39
CA LEU B 283 4.07 18.62 19.18
C LEU B 283 3.05 19.64 19.67
N THR B 284 2.05 19.95 18.84
CA THR B 284 0.98 20.86 19.27
C THR B 284 0.29 20.34 20.52
N GLN B 285 0.02 19.03 20.58
CA GLN B 285 -0.71 18.44 21.70
C GLN B 285 0.16 18.09 22.89
N ASN B 286 1.47 18.01 22.71
CA ASN B 286 2.41 17.71 23.80
C ASN B 286 3.48 18.79 23.84
N PRO B 287 3.16 19.97 24.41
CA PRO B 287 4.17 21.05 24.49
C PRO B 287 5.41 20.68 25.28
N ASP B 288 5.34 19.66 26.14
CA ASP B 288 6.52 19.28 26.89
C ASP B 288 7.61 18.72 25.98
N PHE B 289 7.26 18.30 24.77
CA PHE B 289 8.22 17.76 23.81
C PHE B 289 8.79 18.89 22.96
N ASP B 290 10.12 18.90 22.82
CA ASP B 290 10.81 19.92 22.05
C ASP B 290 10.95 19.56 20.58
N PHE B 291 11.11 18.29 20.25
CA PHE B 291 11.27 17.90 18.86
C PHE B 291 10.68 16.52 18.62
N TYR B 292 10.46 16.22 17.35
CA TYR B 292 9.98 14.95 16.86
C TYR B 292 11.02 14.39 15.91
N ILE B 293 11.35 13.11 16.04
CA ILE B 293 12.37 12.50 15.19
C ILE B 293 11.86 11.16 14.70
N ASP B 294 11.90 10.97 13.38
CA ASP B 294 11.51 9.72 12.75
C ASP B 294 12.68 9.19 11.92
N VAL B 295 12.92 7.89 12.03
CA VAL B 295 13.95 7.18 11.28
C VAL B 295 13.26 6.12 10.44
N ASN B 296 13.76 5.90 9.22
CA ASN B 296 13.23 4.85 8.37
C ASN B 296 14.24 3.71 8.23
N ALA B 297 13.82 2.66 7.51
CA ALA B 297 14.67 1.47 7.40
C ALA B 297 15.96 1.75 6.62
N LYS B 298 15.91 2.68 5.67
CA LYS B 298 17.12 3.07 4.95
C LYS B 298 18.06 3.92 5.79
N GLY B 299 17.66 4.29 7.01
CA GLY B 299 18.50 5.05 7.90
C GLY B 299 18.37 6.56 7.79
N ASN B 300 17.52 7.06 6.90
CA ASN B 300 17.29 8.49 6.82
C ASN B 300 16.60 8.99 8.09
N VAL B 301 16.79 10.28 8.38
CA VAL B 301 16.26 10.91 9.58
C VAL B 301 15.46 12.14 9.20
N SER B 302 14.28 12.28 9.81
CA SER B 302 13.42 13.44 9.65
C SER B 302 13.13 14.04 11.03
N LEU B 303 13.26 15.36 11.14
CA LEU B 303 13.09 16.05 12.41
C LEU B 303 12.22 17.29 12.22
N ARG B 304 11.34 17.51 13.18
CA ARG B 304 10.47 18.67 13.19
C ARG B 304 10.52 19.31 14.58
N ALA B 305 10.17 20.60 14.63
CA ALA B 305 10.12 21.32 15.89
C ALA B 305 9.00 22.35 15.81
N ASN B 306 8.78 23.02 16.93
CA ASN B 306 7.74 24.03 17.05
C ASN B 306 8.32 25.31 17.65
N GLY B 307 9.57 25.62 17.31
CA GLY B 307 10.25 26.78 17.83
C GLY B 307 11.04 26.55 19.10
N ASN B 308 10.77 25.48 19.82
CA ASN B 308 11.46 25.18 21.08
C ASN B 308 12.75 24.40 20.88
N CYS B 309 13.11 24.08 19.63
CA CYS B 309 14.35 23.38 19.33
C CYS B 309 14.78 23.72 17.92
N ASP B 310 16.04 24.12 17.76
CA ASP B 310 16.66 24.33 16.45
C ASP B 310 17.14 22.97 15.95
N VAL B 311 16.25 22.24 15.28
CA VAL B 311 16.59 20.90 14.78
C VAL B 311 17.57 20.93 13.62
N CYS B 312 17.80 22.10 13.01
CA CYS B 312 18.89 22.20 12.04
C CYS B 312 20.22 21.92 12.72
N GLU B 313 20.51 22.64 13.81
CA GLU B 313 21.77 22.43 14.53
C GLU B 313 21.86 21.02 15.09
N LEU B 314 20.74 20.47 15.60
CA LEU B 314 20.74 19.10 16.10
C LEU B 314 21.22 18.14 15.02
N SER B 315 20.56 18.15 13.86
CA SER B 315 20.93 17.24 12.79
C SER B 315 22.32 17.54 12.23
N GLN B 316 22.75 18.81 12.31
CA GLN B 316 24.11 19.14 11.91
C GLN B 316 25.13 18.43 12.80
N MET B 317 24.89 18.42 14.12
CA MET B 317 25.82 17.82 15.06
C MET B 317 25.69 16.31 15.17
N CYS B 318 24.52 15.74 14.85
CA CYS B 318 24.26 14.31 15.09
C CYS B 318 24.10 13.48 13.83
N PHE B 319 23.62 14.07 12.72
CA PHE B 319 23.20 13.26 11.57
C PHE B 319 23.76 13.75 10.23
N ASN B 320 24.70 14.68 10.23
CA ASN B 320 25.29 15.23 8.99
C ASN B 320 24.21 15.71 8.03
N GLY B 321 23.28 16.52 8.55
CA GLY B 321 22.20 17.08 7.76
C GLY B 321 21.96 18.54 8.08
N GLY B 322 20.80 19.07 7.67
CA GLY B 322 20.52 20.47 7.93
C GLY B 322 19.13 20.83 7.43
N GLY B 323 18.80 22.10 7.59
CA GLY B 323 17.50 22.60 7.16
C GLY B 323 17.07 23.87 7.83
N HIS B 324 15.79 23.94 8.20
CA HIS B 324 15.21 25.08 8.89
C HIS B 324 15.20 24.83 10.40
N ARG B 325 15.04 25.92 11.15
CA ARG B 325 15.06 25.82 12.61
C ARG B 325 13.98 24.89 13.15
N ASN B 326 12.94 24.61 12.36
CA ASN B 326 11.82 23.79 12.82
C ASN B 326 11.57 22.58 11.93
N ALA B 327 12.41 22.35 10.92
CA ALA B 327 12.26 21.19 10.03
C ALA B 327 13.60 20.93 9.36
N SER B 328 14.15 19.73 9.56
CA SER B 328 15.47 19.42 9.05
C SER B 328 15.59 17.91 8.84
N GLY B 329 16.66 17.52 8.14
CA GLY B 329 16.91 16.13 7.82
C GLY B 329 18.35 15.71 8.10
N GLY B 330 18.61 14.44 7.86
CA GLY B 330 19.93 13.87 8.06
C GLY B 330 19.91 12.39 7.75
N LYS B 331 21.03 11.72 8.00
CA LYS B 331 21.14 10.29 7.76
C LYS B 331 22.09 9.69 8.79
N ILE B 332 21.86 8.41 9.10
CA ILE B 332 22.67 7.67 10.06
C ILE B 332 23.56 6.72 9.28
N ASP B 333 24.86 7.04 9.20
CA ASP B 333 25.81 6.12 8.58
C ASP B 333 25.99 4.90 9.46
N GLY B 334 25.87 3.72 8.86
CA GLY B 334 25.94 2.49 9.64
C GLY B 334 24.68 2.19 10.43
N PHE B 335 23.53 2.68 9.97
CA PHE B 335 22.27 2.38 10.65
C PHE B 335 21.95 0.89 10.49
N ARG B 336 21.69 0.23 11.61
CA ARG B 336 21.33 -1.18 11.62
C ARG B 336 19.80 -1.27 11.64
N GLU B 337 19.22 -1.74 10.53
CA GLU B 337 17.79 -1.99 10.49
C GLU B 337 17.41 -3.02 11.55
N SER B 338 16.34 -2.74 12.29
CA SER B 338 15.90 -3.65 13.34
C SER B 338 14.38 -3.75 13.34
N PHE B 339 13.88 -4.83 13.94
CA PHE B 339 12.46 -4.99 14.22
C PHE B 339 12.09 -4.63 15.64
N ASN B 340 13.07 -4.45 16.52
CA ASN B 340 12.84 -4.12 17.93
C ASN B 340 13.11 -2.63 18.11
N TYR B 341 12.04 -1.83 18.20
CA TYR B 341 12.11 -0.39 18.43
C TYR B 341 13.21 -0.01 19.40
N ARG B 342 13.30 -0.74 20.53
CA ARG B 342 14.30 -0.43 21.54
C ARG B 342 15.70 -0.42 20.94
N ASP B 343 15.97 -1.27 19.94
CA ASP B 343 17.25 -1.24 19.26
C ASP B 343 17.43 0.03 18.45
N ILE B 344 16.34 0.57 17.91
CA ILE B 344 16.42 1.88 17.28
C ILE B 344 16.56 2.96 18.34
N LYS B 345 15.88 2.80 19.49
CA LYS B 345 15.99 3.79 20.54
C LYS B 345 17.39 3.84 21.13
N GLU B 346 17.99 2.68 21.42
CA GLU B 346 19.35 2.65 21.94
C GLU B 346 20.35 3.23 20.94
N GLN B 347 20.11 3.04 19.65
CA GLN B 347 20.94 3.67 18.63
C GLN B 347 20.86 5.19 18.73
N ILE B 348 19.65 5.73 18.89
CA ILE B 348 19.49 7.18 18.97
C ILE B 348 20.07 7.72 20.28
N GLU B 349 19.73 7.07 21.41
CA GLU B 349 20.20 7.52 22.72
C GLU B 349 21.72 7.51 22.79
N GLU B 350 22.37 6.54 22.13
CA GLU B 350 23.82 6.50 22.13
C GLU B 350 24.40 7.71 21.39
N ILE B 351 23.83 8.05 20.22
CA ILE B 351 24.31 9.20 19.45
C ILE B 351 24.14 10.48 20.26
N PHE B 352 22.97 10.65 20.86
CA PHE B 352 22.71 11.86 21.65
C PHE B 352 23.65 11.96 22.85
N ASN B 353 23.99 10.82 23.47
CA ASN B 353 24.87 10.84 24.63
C ASN B 353 26.30 11.22 24.24
N ASN B 354 26.70 10.93 22.99
CA ASN B 354 28.05 11.20 22.53
C ASN B 354 28.07 12.29 21.48
#